data_7CNX
#
_entry.id   7CNX
#
_cell.length_a   79.896
_cell.length_b   101.847
_cell.length_c   170.095
_cell.angle_alpha   90.000
_cell.angle_beta   90.000
_cell.angle_gamma   90.000
#
_symmetry.space_group_name_H-M   'P 21 21 21'
#
loop_
_entity.id
_entity.type
_entity.pdbx_description
1 polymer 'Phosphatidylserine decarboxylase beta chain'
2 polymer 'Phosphatidylserine decarboxylase alpha chain'
3 water water
#
loop_
_entity_poly.entity_id
_entity_poly.type
_entity_poly.pdbx_seq_one_letter_code
_entity_poly.pdbx_strand_id
1 'polypeptide(L)'
;MLNSFKLSLQYILPKLWLTRLAGWGASKRAGWLTKLVIDLFVKYYKVDMKEAQKPDTASYRTFNEFFVRPLRDEVRPIDT
DPNVLVMPADGVISQLGKIEEDKILQAKGHNYSLEALLAGNYLMADLFRNGTFVTTYLSPRDYHRVHMPCNGILREMIYV
PGDLFSVNHLTAQNVPNLFARNERVICLFDTEFGPMAQILVGATIVGSIETVWAGTITPPREGIIKRWTWPAGENDGSVA
LLKGQEMGRFKLG
;
A,C,E,G
2 'polypeptide(L)' (PYR)TVINLFAPGKVNLVEQLESLSVTKIGQPLAVSTGHHHHHHG B,D,F,H
#
loop_
_chem_comp.id
_chem_comp.type
_chem_comp.name
_chem_comp.formula
PYR non-polymer 'PYRUVIC ACID' 'C3 H4 O3'
#
# COMPACT_ATOMS: atom_id res chain seq x y z
N SER A 8 -33.11 1.39 -18.41
CA SER A 8 -31.86 0.83 -17.81
C SER A 8 -31.64 1.42 -16.40
N LEU A 9 -31.54 0.54 -15.40
CA LEU A 9 -31.07 0.85 -14.02
C LEU A 9 -29.52 0.86 -14.00
N GLN A 10 -28.88 1.12 -15.16
CA GLN A 10 -27.41 1.09 -15.37
C GLN A 10 -26.79 2.33 -14.73
N TYR A 11 -27.55 3.43 -14.65
CA TYR A 11 -27.14 4.72 -14.03
C TYR A 11 -27.69 4.82 -12.60
N ILE A 12 -28.69 4.01 -12.22
CA ILE A 12 -29.35 4.02 -10.88
C ILE A 12 -28.62 3.04 -9.93
N LEU A 13 -28.28 1.82 -10.37
CA LEU A 13 -27.76 0.70 -9.51
C LEU A 13 -26.40 1.07 -8.91
N PRO A 14 -26.12 0.75 -7.61
CA PRO A 14 -24.80 0.96 -7.03
C PRO A 14 -23.85 -0.19 -7.42
N LYS A 15 -23.33 -0.11 -8.65
CA LYS A 15 -22.66 -1.23 -9.37
C LYS A 15 -21.43 -1.69 -8.57
N LEU A 16 -20.75 -0.78 -7.85
CA LEU A 16 -19.51 -1.12 -7.09
C LEU A 16 -19.84 -2.00 -5.89
N TRP A 17 -20.90 -1.69 -5.13
CA TRP A 17 -21.30 -2.48 -3.93
C TRP A 17 -21.81 -3.87 -4.36
N LEU A 18 -22.63 -3.95 -5.43
CA LEU A 18 -23.10 -5.24 -5.99
C LEU A 18 -21.89 -6.10 -6.39
N THR A 19 -20.84 -5.47 -6.94
CA THR A 19 -19.63 -6.15 -7.44
C THR A 19 -18.84 -6.69 -6.25
N ARG A 20 -18.68 -5.89 -5.20
CA ARG A 20 -18.04 -6.28 -3.92
C ARG A 20 -18.82 -7.42 -3.27
N LEU A 21 -20.15 -7.34 -3.27
CA LEU A 21 -21.04 -8.39 -2.70
C LEU A 21 -20.75 -9.71 -3.41
N ALA A 22 -20.83 -9.74 -4.75
CA ALA A 22 -20.51 -10.92 -5.59
C ALA A 22 -19.08 -11.42 -5.30
N GLY A 23 -18.13 -10.52 -5.12
CA GLY A 23 -16.72 -10.85 -4.82
C GLY A 23 -16.59 -11.54 -3.48
N TRP A 24 -17.25 -11.00 -2.46
CA TRP A 24 -17.35 -11.62 -1.11
C TRP A 24 -17.94 -13.02 -1.27
N GLY A 25 -19.17 -13.11 -1.80
CA GLY A 25 -19.82 -14.38 -2.16
C GLY A 25 -18.85 -15.33 -2.84
N ALA A 26 -18.31 -14.93 -4.00
CA ALA A 26 -17.56 -15.81 -4.92
C ALA A 26 -16.23 -16.25 -4.29
N SER A 27 -15.79 -15.62 -3.20
CA SER A 27 -14.49 -15.91 -2.56
C SER A 27 -14.65 -16.91 -1.41
N LYS A 28 -15.88 -17.14 -0.90
CA LYS A 28 -16.17 -17.98 0.31
C LYS A 28 -16.21 -19.47 -0.09
N ARG A 29 -15.59 -20.34 0.72
CA ARG A 29 -15.54 -21.82 0.54
C ARG A 29 -16.71 -22.46 1.31
N ALA A 30 -17.91 -22.58 0.71
CA ALA A 30 -19.19 -22.92 1.38
C ALA A 30 -19.74 -24.28 0.92
N GLY A 31 -18.86 -25.26 0.64
CA GLY A 31 -19.22 -26.63 0.27
C GLY A 31 -20.50 -26.72 -0.54
N TRP A 32 -21.63 -27.07 0.10
CA TRP A 32 -22.90 -27.43 -0.61
C TRP A 32 -23.49 -26.18 -1.30
N LEU A 33 -23.51 -25.02 -0.62
CA LEU A 33 -24.05 -23.73 -1.17
C LEU A 33 -23.20 -23.31 -2.39
N THR A 34 -21.88 -23.52 -2.34
CA THR A 34 -20.94 -23.25 -3.46
C THR A 34 -21.28 -24.15 -4.65
N LYS A 35 -21.43 -25.46 -4.42
CA LYS A 35 -21.78 -26.44 -5.50
C LYS A 35 -23.18 -26.13 -6.04
N LEU A 36 -24.08 -25.62 -5.18
CA LEU A 36 -25.49 -25.32 -5.55
C LEU A 36 -25.49 -24.16 -6.54
N VAL A 37 -24.85 -23.03 -6.19
CA VAL A 37 -24.75 -21.82 -7.06
C VAL A 37 -23.96 -22.19 -8.32
N ILE A 38 -22.87 -22.95 -8.21
CA ILE A 38 -22.11 -23.40 -9.42
C ILE A 38 -23.05 -24.23 -10.31
N ASP A 39 -23.83 -25.12 -9.72
CA ASP A 39 -24.72 -26.05 -10.48
C ASP A 39 -25.85 -25.24 -11.11
N LEU A 40 -26.50 -24.35 -10.36
CA LEU A 40 -27.58 -23.48 -10.92
C LEU A 40 -26.99 -22.70 -12.09
N PHE A 41 -25.77 -22.16 -11.93
CA PHE A 41 -25.04 -21.36 -12.95
C PHE A 41 -24.84 -22.20 -14.21
N VAL A 42 -24.25 -23.38 -14.06
CA VAL A 42 -23.93 -24.30 -15.19
C VAL A 42 -25.22 -24.58 -15.97
N LYS A 43 -26.34 -24.75 -15.28
CA LYS A 43 -27.66 -25.10 -15.88
C LYS A 43 -28.19 -23.89 -16.66
N TYR A 44 -28.34 -22.74 -16.01
CA TYR A 44 -28.96 -21.52 -16.57
C TYR A 44 -28.21 -21.05 -17.82
N TYR A 45 -26.87 -21.14 -17.82
CA TYR A 45 -26.01 -20.52 -18.88
C TYR A 45 -25.54 -21.56 -19.91
N LYS A 46 -25.67 -22.85 -19.63
CA LYS A 46 -25.32 -23.97 -20.55
C LYS A 46 -23.80 -24.04 -20.70
N VAL A 47 -23.10 -24.21 -19.59
CA VAL A 47 -21.61 -24.35 -19.52
C VAL A 47 -21.22 -25.76 -19.98
N ASP A 48 -20.41 -25.89 -21.04
CA ASP A 48 -19.87 -27.21 -21.47
C ASP A 48 -18.74 -27.60 -20.52
N MET A 49 -19.08 -28.23 -19.40
CA MET A 49 -18.12 -28.74 -18.38
C MET A 49 -17.23 -29.85 -18.95
N LYS A 50 -17.58 -30.44 -20.10
CA LYS A 50 -16.78 -31.50 -20.77
C LYS A 50 -15.44 -30.90 -21.24
N GLU A 51 -15.41 -29.59 -21.53
CA GLU A 51 -14.18 -28.86 -21.99
C GLU A 51 -13.25 -28.57 -20.81
N ALA A 52 -13.76 -28.60 -19.57
CA ALA A 52 -13.00 -28.24 -18.34
C ALA A 52 -12.00 -29.35 -18.00
N GLN A 53 -10.86 -28.96 -17.40
CA GLN A 53 -9.82 -29.87 -16.85
C GLN A 53 -10.42 -30.74 -15.74
N LYS A 54 -11.33 -30.18 -14.94
CA LYS A 54 -12.04 -30.84 -13.82
C LYS A 54 -13.56 -30.69 -14.05
N PRO A 55 -14.22 -31.64 -14.74
CA PRO A 55 -15.65 -31.51 -15.08
C PRO A 55 -16.62 -31.68 -13.89
N ASP A 56 -16.12 -32.22 -12.76
CA ASP A 56 -16.93 -32.45 -11.53
C ASP A 56 -17.12 -31.09 -10.86
N THR A 57 -18.35 -30.58 -10.79
CA THR A 57 -18.67 -29.27 -10.18
C THR A 57 -18.31 -29.29 -8.69
N ALA A 58 -18.06 -30.47 -8.11
CA ALA A 58 -17.67 -30.63 -6.69
C ALA A 58 -16.20 -30.29 -6.49
N SER A 59 -15.40 -30.23 -7.56
CA SER A 59 -13.92 -30.07 -7.50
C SER A 59 -13.53 -28.65 -7.09
N TYR A 60 -14.47 -27.70 -7.11
CA TYR A 60 -14.20 -26.24 -7.01
C TYR A 60 -14.51 -25.74 -5.59
N ARG A 61 -13.49 -25.34 -4.85
CA ARG A 61 -13.59 -24.88 -3.43
C ARG A 61 -14.48 -23.62 -3.33
N THR A 62 -14.35 -22.65 -4.25
CA THR A 62 -15.17 -21.39 -4.29
C THR A 62 -15.81 -21.18 -5.66
N PHE A 63 -16.80 -20.31 -5.78
CA PHE A 63 -17.44 -19.99 -7.09
C PHE A 63 -16.37 -19.48 -8.07
N ASN A 64 -15.51 -18.58 -7.58
CA ASN A 64 -14.40 -17.95 -8.35
C ASN A 64 -13.49 -19.03 -8.94
N GLU A 65 -13.07 -20.03 -8.15
CA GLU A 65 -12.19 -21.14 -8.63
C GLU A 65 -12.81 -21.73 -9.90
N PHE A 66 -14.14 -21.86 -9.91
CA PHE A 66 -14.94 -22.39 -11.06
C PHE A 66 -14.99 -21.35 -12.19
N PHE A 67 -15.20 -20.08 -11.86
CA PHE A 67 -15.31 -18.99 -12.87
C PHE A 67 -14.03 -18.95 -13.71
N VAL A 68 -12.89 -19.00 -13.02
CA VAL A 68 -11.51 -18.98 -13.58
C VAL A 68 -11.07 -20.41 -13.94
N ARG A 69 -11.98 -21.36 -14.12
CA ARG A 69 -11.63 -22.80 -14.30
C ARG A 69 -10.72 -22.93 -15.52
N PRO A 70 -9.68 -23.79 -15.45
CA PRO A 70 -8.87 -24.14 -16.62
C PRO A 70 -9.56 -25.14 -17.57
N LEU A 71 -9.19 -25.13 -18.85
CA LEU A 71 -9.70 -26.05 -19.90
C LEU A 71 -8.70 -27.19 -20.13
N ARG A 72 -9.14 -28.26 -20.79
CA ARG A 72 -8.24 -29.36 -21.24
C ARG A 72 -7.44 -28.82 -22.43
N ASP A 73 -6.11 -29.00 -22.44
CA ASP A 73 -5.21 -28.38 -23.45
C ASP A 73 -5.69 -28.73 -24.87
N GLU A 74 -6.06 -29.99 -25.11
CA GLU A 74 -6.30 -30.55 -26.47
C GLU A 74 -7.54 -29.92 -27.11
N VAL A 75 -8.46 -29.33 -26.32
CA VAL A 75 -9.77 -28.82 -26.81
C VAL A 75 -9.63 -27.39 -27.38
N ARG A 76 -8.46 -26.75 -27.20
CA ARG A 76 -8.12 -25.42 -27.78
C ARG A 76 -6.77 -25.53 -28.47
N PRO A 77 -6.72 -26.21 -29.65
CA PRO A 77 -5.49 -26.27 -30.43
C PRO A 77 -5.08 -24.87 -30.92
N ILE A 78 -3.80 -24.52 -30.76
CA ILE A 78 -3.20 -23.22 -31.17
C ILE A 78 -2.67 -23.37 -32.60
N ASP A 79 -3.19 -22.61 -33.58
CA ASP A 79 -2.61 -22.55 -34.95
C ASP A 79 -1.10 -22.26 -34.86
N THR A 80 -0.25 -23.13 -35.41
CA THR A 80 1.23 -23.07 -35.22
C THR A 80 1.88 -22.21 -36.31
N ASP A 81 1.12 -21.84 -37.34
CA ASP A 81 1.61 -21.01 -38.48
C ASP A 81 2.06 -19.66 -37.91
N PRO A 82 3.35 -19.27 -38.01
CA PRO A 82 3.82 -18.03 -37.40
C PRO A 82 3.33 -16.76 -38.10
N ASN A 83 2.71 -16.91 -39.27
CA ASN A 83 2.03 -15.86 -40.07
C ASN A 83 0.62 -15.59 -39.52
N VAL A 84 0.15 -16.44 -38.61
CA VAL A 84 -1.25 -16.38 -38.12
C VAL A 84 -1.23 -15.86 -36.68
N LEU A 85 -1.99 -14.80 -36.44
CA LEU A 85 -2.34 -14.32 -35.09
C LEU A 85 -3.65 -15.02 -34.74
N VAL A 86 -3.77 -15.52 -33.51
CA VAL A 86 -4.90 -16.39 -33.08
C VAL A 86 -5.80 -15.59 -32.13
N MET A 87 -7.03 -16.05 -31.94
CA MET A 87 -8.00 -15.42 -31.01
C MET A 87 -7.48 -15.56 -29.58
N PRO A 88 -7.53 -14.48 -28.76
CA PRO A 88 -7.04 -14.56 -27.38
C PRO A 88 -8.05 -14.98 -26.31
N ALA A 89 -9.33 -15.11 -26.67
CA ALA A 89 -10.41 -15.34 -25.69
C ALA A 89 -11.60 -16.09 -26.31
N ASP A 90 -12.22 -16.98 -25.52
CA ASP A 90 -13.50 -17.66 -25.85
C ASP A 90 -14.62 -16.65 -25.72
N GLY A 91 -15.56 -16.66 -26.66
CA GLY A 91 -16.72 -15.76 -26.71
C GLY A 91 -17.14 -15.48 -28.14
N VAL A 92 -17.69 -14.29 -28.42
CA VAL A 92 -18.03 -13.83 -29.79
C VAL A 92 -17.42 -12.45 -30.04
N ILE A 93 -17.05 -12.19 -31.31
CA ILE A 93 -16.63 -10.84 -31.77
C ILE A 93 -17.82 -9.89 -31.58
N SER A 94 -17.58 -8.74 -30.96
CA SER A 94 -18.52 -7.59 -30.85
C SER A 94 -18.45 -6.78 -32.14
N GLN A 95 -17.27 -6.23 -32.41
CA GLN A 95 -16.94 -5.48 -33.64
C GLN A 95 -15.46 -5.68 -33.94
N LEU A 96 -15.06 -5.48 -35.18
CA LEU A 96 -13.63 -5.52 -35.58
C LEU A 96 -13.48 -4.79 -36.90
N GLY A 97 -12.24 -4.44 -37.25
CA GLY A 97 -11.91 -3.85 -38.56
C GLY A 97 -10.90 -2.73 -38.43
N LYS A 98 -10.98 -1.78 -39.35
CA LYS A 98 -10.03 -0.66 -39.50
C LYS A 98 -10.34 0.33 -38.37
N ILE A 99 -9.31 0.89 -37.75
CA ILE A 99 -9.44 2.09 -36.89
C ILE A 99 -9.45 3.31 -37.83
N GLU A 100 -10.60 3.97 -37.99
CA GLU A 100 -10.78 5.10 -38.94
C GLU A 100 -10.14 6.35 -38.33
N GLU A 101 -8.85 6.56 -38.62
CA GLU A 101 -8.00 7.58 -37.94
C GLU A 101 -7.96 7.24 -36.44
N ASP A 102 -8.78 7.90 -35.62
CA ASP A 102 -8.86 7.78 -34.14
C ASP A 102 -10.12 6.98 -33.78
N LYS A 103 -11.08 6.85 -34.71
CA LYS A 103 -12.46 6.34 -34.41
C LYS A 103 -12.46 4.79 -34.44
N ILE A 104 -12.97 4.17 -33.36
CA ILE A 104 -13.23 2.72 -33.20
C ILE A 104 -14.75 2.51 -33.11
N LEU A 105 -15.28 1.50 -33.78
CA LEU A 105 -16.73 1.20 -33.81
C LEU A 105 -17.12 0.44 -32.55
N GLN A 106 -18.16 0.92 -31.86
CA GLN A 106 -18.75 0.28 -30.65
C GLN A 106 -19.96 -0.53 -31.12
N ALA A 107 -20.79 0.10 -31.96
CA ALA A 107 -22.08 -0.41 -32.46
C ALA A 107 -22.57 0.51 -33.60
N LYS A 108 -23.68 0.18 -34.25
CA LYS A 108 -24.31 1.08 -35.27
C LYS A 108 -24.51 2.46 -34.62
N GLY A 109 -23.80 3.47 -35.12
CA GLY A 109 -23.95 4.89 -34.74
C GLY A 109 -23.46 5.18 -33.34
N HIS A 110 -22.45 4.43 -32.88
CA HIS A 110 -21.64 4.76 -31.67
C HIS A 110 -20.17 4.49 -32.01
N ASN A 111 -19.37 5.55 -32.13
CA ASN A 111 -17.90 5.48 -32.29
C ASN A 111 -17.30 5.80 -30.92
N TYR A 112 -16.05 5.43 -30.69
CA TYR A 112 -15.29 5.92 -29.52
C TYR A 112 -13.84 6.17 -29.92
N SER A 113 -13.21 7.09 -29.20
CA SER A 113 -11.84 7.57 -29.48
C SER A 113 -10.81 6.52 -29.06
N LEU A 114 -9.79 6.32 -29.89
CA LEU A 114 -8.60 5.49 -29.57
C LEU A 114 -7.90 6.09 -28.34
N GLU A 115 -7.78 7.41 -28.29
CA GLU A 115 -7.15 8.13 -27.16
C GLU A 115 -8.01 8.00 -25.89
N ALA A 116 -9.34 8.00 -26.01
CA ALA A 116 -10.22 7.79 -24.84
C ALA A 116 -9.95 6.40 -24.26
N LEU A 117 -9.94 5.38 -25.10
CA LEU A 117 -9.70 3.97 -24.72
C LEU A 117 -8.36 3.87 -23.98
N LEU A 118 -7.34 4.58 -24.46
CA LEU A 118 -5.98 4.51 -23.87
C LEU A 118 -5.80 5.62 -22.81
N ALA A 119 -6.88 6.11 -22.21
CA ALA A 119 -6.83 6.96 -21.00
C ALA A 119 -5.96 8.20 -21.28
N GLY A 120 -6.14 8.78 -22.47
CA GLY A 120 -5.52 10.06 -22.88
C GLY A 120 -4.07 9.90 -23.25
N ASN A 121 -3.62 8.66 -23.48
CA ASN A 121 -2.21 8.32 -23.80
C ASN A 121 -1.99 8.56 -25.31
N TYR A 122 -1.72 9.79 -25.72
CA TYR A 122 -1.59 10.18 -27.15
C TYR A 122 -0.41 9.45 -27.81
N LEU A 123 0.70 9.19 -27.09
CA LEU A 123 1.84 8.42 -27.66
C LEU A 123 1.39 7.00 -28.03
N MET A 124 0.68 6.31 -27.13
CA MET A 124 0.22 4.92 -27.41
C MET A 124 -0.80 4.99 -28.53
N ALA A 125 -1.73 5.92 -28.47
CA ALA A 125 -2.77 6.07 -29.52
C ALA A 125 -2.09 6.20 -30.88
N ASP A 126 -0.95 6.87 -30.97
CA ASP A 126 -0.27 7.18 -32.25
C ASP A 126 0.21 5.87 -32.91
N LEU A 127 0.56 4.86 -32.10
CA LEU A 127 1.02 3.54 -32.59
C LEU A 127 -0.07 2.89 -33.44
N PHE A 128 -1.35 3.18 -33.13
CA PHE A 128 -2.51 2.40 -33.58
C PHE A 128 -3.44 3.22 -34.49
N ARG A 129 -3.15 4.49 -34.75
CA ARG A 129 -3.99 5.32 -35.64
C ARG A 129 -4.00 4.67 -37.03
N ASN A 130 -5.19 4.46 -37.61
CA ASN A 130 -5.42 3.80 -38.93
C ASN A 130 -4.99 2.32 -38.88
N GLY A 131 -4.89 1.75 -37.69
CA GLY A 131 -4.58 0.32 -37.52
C GLY A 131 -5.85 -0.52 -37.62
N THR A 132 -5.82 -1.67 -36.94
CA THR A 132 -6.95 -2.62 -36.85
C THR A 132 -7.25 -2.86 -35.38
N PHE A 133 -8.53 -3.10 -35.06
CA PHE A 133 -9.00 -3.47 -33.71
C PHE A 133 -9.87 -4.72 -33.79
N VAL A 134 -9.92 -5.44 -32.68
CA VAL A 134 -10.86 -6.58 -32.45
C VAL A 134 -11.35 -6.40 -31.02
N THR A 135 -12.67 -6.38 -30.85
CA THR A 135 -13.34 -6.37 -29.53
C THR A 135 -14.06 -7.71 -29.40
N THR A 136 -13.64 -8.55 -28.45
CA THR A 136 -14.22 -9.88 -28.12
C THR A 136 -15.00 -9.78 -26.81
N TYR A 137 -16.27 -10.22 -26.81
CA TYR A 137 -17.16 -10.27 -25.63
C TYR A 137 -17.12 -11.69 -25.04
N LEU A 138 -16.81 -11.80 -23.75
CA LEU A 138 -16.87 -13.06 -22.95
C LEU A 138 -18.21 -13.15 -22.24
N SER A 139 -19.12 -14.02 -22.69
CA SER A 139 -20.41 -14.34 -22.02
C SER A 139 -20.14 -15.14 -20.74
N PRO A 140 -21.04 -15.12 -19.75
CA PRO A 140 -20.81 -15.84 -18.48
C PRO A 140 -20.55 -17.35 -18.63
N ARG A 141 -21.07 -17.97 -19.68
CA ARG A 141 -20.87 -19.42 -19.92
C ARG A 141 -19.41 -19.70 -20.31
N ASP A 142 -18.75 -18.75 -20.95
CA ASP A 142 -17.42 -18.94 -21.59
C ASP A 142 -16.30 -19.03 -20.53
N TYR A 143 -15.17 -19.63 -20.93
CA TYR A 143 -13.85 -19.60 -20.24
C TYR A 143 -13.44 -18.14 -20.06
N HIS A 144 -12.95 -17.77 -18.87
CA HIS A 144 -12.69 -16.35 -18.49
C HIS A 144 -11.19 -16.06 -18.30
N ARG A 145 -10.33 -16.90 -18.84
CA ARG A 145 -8.89 -16.57 -18.95
C ARG A 145 -8.63 -16.09 -20.38
N VAL A 146 -7.60 -15.25 -20.53
CA VAL A 146 -7.25 -14.57 -21.81
C VAL A 146 -5.82 -15.00 -22.17
N HIS A 147 -5.62 -15.36 -23.44
CA HIS A 147 -4.36 -15.95 -23.97
C HIS A 147 -3.74 -14.99 -25.01
N MET A 148 -2.46 -15.16 -25.28
CA MET A 148 -1.73 -14.30 -26.22
C MET A 148 -2.16 -14.65 -27.64
N PRO A 149 -2.41 -13.63 -28.51
CA PRO A 149 -2.71 -13.88 -29.92
C PRO A 149 -1.47 -14.30 -30.74
N CYS A 150 -0.28 -14.02 -30.21
CA CYS A 150 1.04 -14.27 -30.84
C CYS A 150 2.14 -14.10 -29.80
N ASN A 151 3.37 -14.48 -30.12
CA ASN A 151 4.55 -14.20 -29.25
C ASN A 151 4.63 -12.69 -29.00
N GLY A 152 5.01 -12.28 -27.78
CA GLY A 152 5.26 -10.88 -27.46
C GLY A 152 6.19 -10.66 -26.27
N ILE A 153 6.92 -9.54 -26.27
CA ILE A 153 7.61 -8.97 -25.08
C ILE A 153 6.67 -7.93 -24.47
N LEU A 154 6.28 -8.11 -23.21
CA LEU A 154 5.54 -7.09 -22.40
C LEU A 154 6.43 -5.85 -22.23
N ARG A 155 5.96 -4.68 -22.67
CA ARG A 155 6.70 -3.40 -22.56
C ARG A 155 6.02 -2.46 -21.55
N GLU A 156 4.70 -2.43 -21.49
CA GLU A 156 3.93 -1.38 -20.76
C GLU A 156 2.62 -1.99 -20.29
N MET A 157 2.23 -1.76 -19.03
CA MET A 157 0.88 -2.06 -18.51
C MET A 157 0.33 -0.82 -17.79
N ILE A 158 -0.92 -0.45 -18.07
CA ILE A 158 -1.59 0.74 -17.47
C ILE A 158 -2.92 0.28 -16.88
N TYR A 159 -3.11 0.45 -15.58
CA TYR A 159 -4.42 0.29 -14.91
C TYR A 159 -5.18 1.63 -14.98
N VAL A 160 -6.43 1.57 -15.41
CA VAL A 160 -7.30 2.77 -15.65
C VAL A 160 -8.53 2.63 -14.75
N PRO A 161 -8.72 3.53 -13.76
CA PRO A 161 -9.93 3.55 -12.95
C PRO A 161 -11.14 3.80 -13.85
N GLY A 162 -12.32 3.31 -13.48
CA GLY A 162 -13.51 3.48 -14.31
C GLY A 162 -14.80 3.02 -13.68
N ASP A 163 -15.87 3.10 -14.46
CA ASP A 163 -17.23 2.68 -14.08
C ASP A 163 -17.26 1.15 -14.17
N LEU A 164 -18.35 0.52 -13.74
CA LEU A 164 -18.56 -0.94 -13.85
C LEU A 164 -19.90 -1.17 -14.54
N PHE A 165 -20.13 -0.46 -15.64
CA PHE A 165 -21.28 -0.70 -16.56
C PHE A 165 -21.26 -2.17 -16.92
N SER A 166 -22.43 -2.75 -17.20
CA SER A 166 -22.56 -4.09 -17.81
C SER A 166 -22.07 -4.01 -19.24
N VAL A 167 -21.37 -5.04 -19.69
CA VAL A 167 -21.01 -5.19 -21.13
C VAL A 167 -21.91 -6.28 -21.69
N ASN A 168 -22.58 -5.98 -22.79
CA ASN A 168 -23.43 -6.92 -23.57
C ASN A 168 -23.92 -6.17 -24.80
N HIS A 169 -24.53 -6.88 -25.75
CA HIS A 169 -25.13 -6.29 -26.98
C HIS A 169 -25.99 -5.07 -26.59
N LEU A 170 -26.83 -5.18 -25.54
CA LEU A 170 -27.78 -4.10 -25.13
C LEU A 170 -27.01 -2.83 -24.73
N THR A 171 -26.10 -2.90 -23.75
CA THR A 171 -25.32 -1.72 -23.25
C THR A 171 -24.35 -1.23 -24.32
N ALA A 172 -23.73 -2.14 -25.09
CA ALA A 172 -22.80 -1.78 -26.18
C ALA A 172 -23.52 -0.92 -27.21
N GLN A 173 -24.83 -1.12 -27.36
CA GLN A 173 -25.65 -0.46 -28.41
C GLN A 173 -26.17 0.89 -27.91
N ASN A 174 -26.04 1.17 -26.61
CA ASN A 174 -26.83 2.24 -25.92
C ASN A 174 -25.99 3.09 -24.96
N VAL A 175 -24.92 2.58 -24.35
CA VAL A 175 -24.07 3.36 -23.41
C VAL A 175 -22.89 3.95 -24.19
N PRO A 176 -22.79 5.29 -24.31
CA PRO A 176 -21.66 5.90 -24.98
C PRO A 176 -20.32 5.67 -24.26
N ASN A 177 -19.27 5.43 -25.04
CA ASN A 177 -17.86 5.31 -24.58
C ASN A 177 -17.74 4.19 -23.54
N LEU A 178 -18.51 3.10 -23.69
CA LEU A 178 -18.62 2.01 -22.67
C LEU A 178 -17.23 1.49 -22.30
N PHE A 179 -16.43 1.10 -23.29
CA PHE A 179 -15.10 0.47 -23.08
C PHE A 179 -14.08 1.53 -22.66
N ALA A 180 -14.30 2.79 -23.01
CA ALA A 180 -13.37 3.91 -22.69
C ALA A 180 -13.62 4.41 -21.27
N ARG A 181 -14.75 4.10 -20.63
CA ARG A 181 -15.05 4.62 -19.27
C ARG A 181 -15.12 3.51 -18.20
N ASN A 182 -15.21 2.24 -18.59
CA ASN A 182 -15.16 1.09 -17.65
C ASN A 182 -13.72 0.79 -17.24
N GLU A 183 -13.50 0.53 -15.95
CA GLU A 183 -12.24 0.05 -15.32
C GLU A 183 -11.58 -0.99 -16.24
N ARG A 184 -10.27 -0.87 -16.48
CA ARG A 184 -9.58 -1.75 -17.46
C ARG A 184 -8.07 -1.72 -17.25
N VAL A 185 -7.41 -2.72 -17.83
CA VAL A 185 -5.94 -2.93 -17.84
C VAL A 185 -5.49 -2.98 -19.31
N ILE A 186 -4.66 -2.02 -19.72
CA ILE A 186 -4.02 -1.95 -21.07
C ILE A 186 -2.66 -2.64 -20.97
N CYS A 187 -2.40 -3.60 -21.85
CA CYS A 187 -1.09 -4.29 -21.98
C CYS A 187 -0.54 -4.04 -23.39
N LEU A 188 0.67 -3.49 -23.48
CA LEU A 188 1.37 -3.20 -24.76
C LEU A 188 2.58 -4.14 -24.89
N PHE A 189 2.63 -4.90 -25.98
CA PHE A 189 3.73 -5.85 -26.30
C PHE A 189 4.45 -5.41 -27.57
N ASP A 190 5.75 -5.69 -27.67
CA ASP A 190 6.48 -5.76 -28.95
C ASP A 190 6.23 -7.15 -29.53
N THR A 191 5.87 -7.24 -30.81
CA THR A 191 5.67 -8.51 -31.53
C THR A 191 6.37 -8.46 -32.88
N GLU A 192 6.41 -9.58 -33.60
CA GLU A 192 6.91 -9.62 -34.99
C GLU A 192 5.93 -8.86 -35.89
N PHE A 193 4.80 -8.37 -35.38
CA PHE A 193 3.78 -7.61 -36.15
C PHE A 193 3.74 -6.14 -35.69
N GLY A 194 4.79 -5.71 -34.99
CA GLY A 194 4.92 -4.35 -34.45
C GLY A 194 4.32 -4.25 -33.06
N PRO A 195 3.91 -3.04 -32.62
CA PRO A 195 3.26 -2.88 -31.32
C PRO A 195 1.87 -3.54 -31.37
N MET A 196 1.49 -4.17 -30.26
CA MET A 196 0.19 -4.87 -30.13
C MET A 196 -0.35 -4.60 -28.73
N ALA A 197 -1.59 -4.12 -28.67
CA ALA A 197 -2.29 -3.82 -27.41
C ALA A 197 -3.31 -4.93 -27.17
N GLN A 198 -3.35 -5.45 -25.93
CA GLN A 198 -4.41 -6.36 -25.46
C GLN A 198 -4.96 -5.73 -24.18
N ILE A 199 -6.23 -5.36 -24.21
CA ILE A 199 -6.91 -4.56 -23.16
C ILE A 199 -8.00 -5.41 -22.50
N LEU A 200 -7.89 -5.61 -21.18
CA LEU A 200 -8.88 -6.34 -20.38
C LEU A 200 -9.85 -5.33 -19.76
N VAL A 201 -11.10 -5.31 -20.23
CA VAL A 201 -12.14 -4.36 -19.75
C VAL A 201 -13.10 -5.11 -18.82
N GLY A 202 -13.17 -4.67 -17.56
CA GLY A 202 -14.07 -5.23 -16.56
C GLY A 202 -15.50 -4.75 -16.74
N ALA A 203 -16.42 -5.36 -15.99
CA ALA A 203 -17.86 -5.03 -15.97
C ALA A 203 -18.43 -5.26 -14.57
N THR A 204 -19.71 -4.92 -14.37
CA THR A 204 -20.47 -5.17 -13.11
C THR A 204 -20.28 -6.65 -12.78
N ILE A 205 -20.03 -6.96 -11.49
CA ILE A 205 -19.92 -8.33 -10.94
C ILE A 205 -18.54 -8.89 -11.34
N VAL A 206 -18.33 -9.18 -12.63
CA VAL A 206 -17.02 -9.67 -13.16
C VAL A 206 -16.11 -8.46 -13.36
N GLY A 207 -15.54 -7.96 -12.26
CA GLY A 207 -14.81 -6.68 -12.21
C GLY A 207 -13.37 -6.83 -11.79
N SER A 208 -12.95 -8.06 -11.46
CA SER A 208 -11.56 -8.34 -11.03
C SER A 208 -10.76 -8.75 -12.26
N ILE A 209 -9.60 -8.13 -12.45
CA ILE A 209 -8.65 -8.41 -13.58
C ILE A 209 -7.34 -8.88 -12.96
N GLU A 210 -6.77 -9.96 -13.51
CA GLU A 210 -5.43 -10.46 -13.14
C GLU A 210 -4.58 -10.53 -14.41
N THR A 211 -3.26 -10.52 -14.24
CA THR A 211 -2.27 -10.95 -15.26
C THR A 211 -1.36 -11.97 -14.60
N VAL A 212 -0.77 -12.86 -15.41
CA VAL A 212 0.14 -13.95 -14.96
C VAL A 212 1.42 -13.37 -14.34
N TRP A 213 1.82 -12.16 -14.73
CA TRP A 213 3.09 -11.51 -14.28
C TRP A 213 2.88 -10.62 -13.06
N ALA A 214 1.66 -10.28 -12.69
CA ALA A 214 1.40 -9.26 -11.63
C ALA A 214 0.37 -9.73 -10.61
N GLY A 215 -0.36 -10.81 -10.88
CA GLY A 215 -1.47 -11.25 -10.02
C GLY A 215 -2.67 -10.38 -10.23
N THR A 216 -3.48 -10.19 -9.20
CA THR A 216 -4.72 -9.39 -9.25
C THR A 216 -4.31 -7.92 -9.32
N ILE A 217 -4.74 -7.23 -10.38
CA ILE A 217 -4.54 -5.77 -10.57
C ILE A 217 -5.62 -5.06 -9.74
N THR A 218 -6.85 -5.55 -9.82
CA THR A 218 -8.04 -4.95 -9.17
C THR A 218 -8.99 -6.08 -8.76
N PRO A 219 -9.56 -6.07 -7.54
CA PRO A 219 -9.34 -5.02 -6.54
C PRO A 219 -7.97 -5.13 -5.89
N PRO A 220 -7.54 -4.16 -5.04
CA PRO A 220 -8.36 -3.01 -4.64
C PRO A 220 -8.46 -1.93 -5.72
N ARG A 221 -9.39 -0.98 -5.52
CA ARG A 221 -9.67 0.17 -6.43
C ARG A 221 -9.22 1.47 -5.75
N GLU A 222 -7.98 1.89 -5.99
CA GLU A 222 -7.31 3.03 -5.32
C GLU A 222 -7.65 4.34 -6.06
N GLY A 223 -8.26 4.26 -7.24
CA GLY A 223 -8.89 5.40 -7.95
C GLY A 223 -7.93 6.21 -8.80
N ILE A 224 -6.68 5.79 -8.95
CA ILE A 224 -5.64 6.51 -9.76
C ILE A 224 -5.17 5.59 -10.91
N ILE A 225 -4.72 6.18 -12.01
CA ILE A 225 -3.96 5.49 -13.10
C ILE A 225 -2.59 5.07 -12.55
N LYS A 226 -2.22 3.81 -12.74
CA LYS A 226 -0.88 3.24 -12.41
C LYS A 226 -0.28 2.73 -13.72
N ARG A 227 0.99 3.04 -13.96
CA ARG A 227 1.77 2.61 -15.16
C ARG A 227 2.99 1.80 -14.73
N TRP A 228 3.14 0.59 -15.28
CA TRP A 228 4.38 -0.23 -15.19
C TRP A 228 5.01 -0.37 -16.58
N THR A 229 6.35 -0.42 -16.64
CA THR A 229 7.12 -0.65 -17.88
C THR A 229 8.07 -1.82 -17.67
N TRP A 230 8.43 -2.50 -18.75
CA TRP A 230 9.45 -3.57 -18.81
C TRP A 230 10.38 -3.30 -19.98
N PRO A 231 11.64 -3.78 -19.92
CA PRO A 231 12.60 -3.55 -21.01
C PRO A 231 12.31 -4.41 -22.24
N ALA A 232 12.99 -4.08 -23.35
CA ALA A 232 12.99 -4.87 -24.61
C ALA A 232 13.49 -6.29 -24.35
N GLY A 233 13.20 -7.23 -25.26
CA GLY A 233 13.35 -8.68 -25.05
C GLY A 233 14.77 -9.06 -24.69
N GLU A 234 15.74 -8.46 -25.39
CA GLU A 234 17.20 -8.68 -25.19
C GLU A 234 17.57 -8.59 -23.70
N ASN A 235 17.17 -7.51 -23.02
CA ASN A 235 17.64 -7.12 -21.66
C ASN A 235 17.22 -8.14 -20.60
N ASP A 236 17.90 -8.13 -19.45
CA ASP A 236 17.59 -8.93 -18.23
C ASP A 236 16.37 -8.28 -17.57
N GLY A 237 15.45 -9.09 -17.04
CA GLY A 237 14.20 -8.64 -16.38
C GLY A 237 13.06 -8.47 -17.37
N SER A 238 13.27 -8.79 -18.65
CA SER A 238 12.24 -8.76 -19.71
C SER A 238 11.27 -9.95 -19.46
N VAL A 239 10.01 -9.78 -19.85
CA VAL A 239 8.91 -10.77 -19.68
C VAL A 239 8.38 -11.11 -21.07
N ALA A 240 8.61 -12.34 -21.52
CA ALA A 240 8.17 -12.85 -22.84
C ALA A 240 7.03 -13.84 -22.66
N LEU A 241 6.07 -13.83 -23.57
CA LEU A 241 4.97 -14.81 -23.62
C LEU A 241 4.85 -15.35 -25.05
N LEU A 242 4.37 -16.58 -25.18
CA LEU A 242 4.26 -17.32 -26.44
C LEU A 242 2.81 -17.29 -26.94
N LYS A 243 2.62 -17.38 -28.26
CA LYS A 243 1.29 -17.56 -28.88
C LYS A 243 0.55 -18.62 -28.05
N GLY A 244 -0.70 -18.35 -27.65
CA GLY A 244 -1.56 -19.33 -26.97
C GLY A 244 -1.37 -19.37 -25.46
N GLN A 245 -0.31 -18.80 -24.91
CA GLN A 245 -0.03 -18.83 -23.46
C GLN A 245 -1.00 -17.89 -22.72
N GLU A 246 -1.48 -18.33 -21.57
CA GLU A 246 -2.31 -17.51 -20.64
C GLU A 246 -1.53 -16.24 -20.27
N MET A 247 -2.17 -15.07 -20.39
CA MET A 247 -1.63 -13.75 -19.94
C MET A 247 -2.45 -13.16 -18.80
N GLY A 248 -3.73 -13.54 -18.63
CA GLY A 248 -4.60 -12.93 -17.61
C GLY A 248 -5.96 -13.58 -17.54
N ARG A 249 -6.83 -13.11 -16.65
CA ARG A 249 -8.21 -13.61 -16.47
C ARG A 249 -9.14 -12.56 -15.83
N PHE A 250 -10.43 -12.84 -15.86
CA PHE A 250 -11.50 -12.09 -15.14
C PHE A 250 -12.13 -12.99 -14.06
N LYS A 251 -12.32 -12.46 -12.87
CA LYS A 251 -13.14 -13.12 -11.82
C LYS A 251 -14.07 -12.08 -11.19
N LEU A 252 -14.94 -12.52 -10.27
CA LEU A 252 -15.94 -11.64 -9.62
C LEU A 252 -15.23 -10.89 -8.49
N GLY A 253 -15.59 -9.61 -8.30
CA GLY A 253 -15.19 -8.78 -7.15
C GLY A 253 -14.63 -7.42 -7.53
C PYR B 1 -15.78 -8.83 -20.94
O PYR B 1 -16.53 -9.38 -21.77
CA PYR B 1 -16.07 -9.11 -19.68
O3 PYR B 1 -15.87 -8.27 -18.82
CB PYR B 1 -16.61 -10.42 -19.20
N THR B 2 -14.73 -8.21 -21.44
CA THR B 2 -14.32 -7.82 -22.85
C THR B 2 -12.80 -7.73 -23.01
N VAL B 3 -12.31 -8.09 -24.19
CA VAL B 3 -10.88 -7.99 -24.55
C VAL B 3 -10.77 -7.26 -25.89
N ILE B 4 -9.97 -6.19 -25.91
CA ILE B 4 -9.74 -5.35 -27.11
C ILE B 4 -8.27 -5.48 -27.53
N ASN B 5 -8.04 -5.83 -28.78
CA ASN B 5 -6.69 -5.86 -29.40
C ASN B 5 -6.57 -4.64 -30.32
N LEU B 6 -5.40 -4.01 -30.33
CA LEU B 6 -5.01 -2.97 -31.32
C LEU B 6 -3.77 -3.49 -32.03
N PHE B 7 -3.77 -3.44 -33.37
CA PHE B 7 -2.59 -3.70 -34.22
C PHE B 7 -2.26 -2.44 -35.03
N ALA B 8 -0.99 -2.27 -35.37
CA ALA B 8 -0.46 -1.07 -36.07
C ALA B 8 -0.96 -1.08 -37.52
N PRO B 9 -0.98 0.08 -38.21
CA PRO B 9 -1.40 0.13 -39.62
C PRO B 9 -0.56 -0.76 -40.54
N GLY B 10 -1.26 -1.40 -41.49
CA GLY B 10 -0.71 -2.30 -42.52
C GLY B 10 0.07 -3.48 -41.97
N LYS B 11 -0.20 -3.98 -40.76
CA LYS B 11 0.61 -5.06 -40.16
C LYS B 11 -0.09 -6.43 -40.27
N VAL B 12 -1.42 -6.44 -40.21
CA VAL B 12 -2.24 -7.71 -40.22
C VAL B 12 -3.50 -7.48 -41.05
N ASN B 13 -4.02 -8.55 -41.65
CA ASN B 13 -5.39 -8.58 -42.23
C ASN B 13 -6.24 -9.56 -41.42
N LEU B 14 -7.38 -9.09 -40.92
CA LEU B 14 -8.34 -9.93 -40.18
C LEU B 14 -8.90 -10.97 -41.14
N VAL B 15 -9.02 -12.23 -40.71
CA VAL B 15 -9.73 -13.31 -41.47
C VAL B 15 -11.05 -12.71 -41.98
N GLU B 16 -11.31 -12.76 -43.30
CA GLU B 16 -12.45 -12.03 -43.93
C GLU B 16 -13.80 -12.59 -43.48
N GLN B 17 -13.85 -13.87 -43.09
CA GLN B 17 -15.12 -14.57 -42.70
C GLN B 17 -15.64 -13.96 -41.38
N LEU B 18 -14.76 -13.48 -40.50
CA LEU B 18 -15.13 -13.00 -39.13
C LEU B 18 -15.96 -11.71 -39.22
N GLU B 19 -17.01 -11.62 -38.41
CA GLU B 19 -17.94 -10.48 -38.34
C GLU B 19 -18.52 -10.38 -36.93
N SER B 20 -19.25 -9.29 -36.62
CA SER B 20 -20.01 -9.13 -35.36
C SER B 20 -20.81 -10.42 -35.11
N LEU B 21 -20.61 -11.04 -33.94
CA LEU B 21 -21.36 -12.21 -33.42
C LEU B 21 -20.72 -13.53 -33.87
N SER B 22 -19.66 -13.50 -34.69
CA SER B 22 -18.83 -14.70 -35.01
C SER B 22 -18.31 -15.30 -33.69
N VAL B 23 -18.35 -16.62 -33.56
CA VAL B 23 -17.88 -17.34 -32.34
C VAL B 23 -16.35 -17.33 -32.33
N THR B 24 -15.74 -17.14 -31.16
CA THR B 24 -14.28 -17.15 -30.96
C THR B 24 -13.91 -18.28 -30.01
N LYS B 25 -12.89 -19.07 -30.39
CA LYS B 25 -12.26 -20.10 -29.54
C LYS B 25 -10.74 -19.82 -29.52
N ILE B 26 -10.15 -19.72 -28.34
CA ILE B 26 -8.68 -19.63 -28.13
C ILE B 26 -7.97 -20.50 -29.15
N GLY B 27 -7.09 -19.92 -29.97
CA GLY B 27 -6.20 -20.67 -30.89
C GLY B 27 -6.67 -20.58 -32.34
N GLN B 28 -7.96 -20.36 -32.57
CA GLN B 28 -8.50 -20.19 -33.95
C GLN B 28 -7.82 -18.97 -34.58
N PRO B 29 -7.59 -18.98 -35.91
CA PRO B 29 -7.13 -17.79 -36.62
C PRO B 29 -7.99 -16.53 -36.46
N LEU B 30 -7.35 -15.42 -36.08
CA LEU B 30 -7.93 -14.07 -35.93
C LEU B 30 -7.48 -13.20 -37.10
N ALA B 31 -6.19 -13.25 -37.44
CA ALA B 31 -5.59 -12.43 -38.52
C ALA B 31 -4.36 -13.13 -39.12
N VAL B 32 -3.99 -12.73 -40.33
CA VAL B 32 -2.75 -13.23 -41.03
C VAL B 32 -1.82 -12.02 -41.21
N SER B 33 -0.54 -12.18 -40.92
CA SER B 33 0.52 -11.16 -41.08
C SER B 33 0.54 -10.73 -42.55
N THR B 34 0.74 -9.44 -42.81
CA THR B 34 0.86 -8.90 -44.19
C THR B 34 2.26 -9.15 -44.71
N GLY B 35 3.21 -9.52 -43.85
CA GLY B 35 4.60 -9.89 -44.21
C GLY B 35 4.93 -11.32 -43.83
N HIS B 36 5.63 -12.05 -44.70
CA HIS B 36 5.77 -13.53 -44.69
C HIS B 36 6.85 -13.96 -43.68
N HIS B 37 6.49 -14.86 -42.76
CA HIS B 37 7.37 -15.53 -41.76
C HIS B 37 7.50 -17.01 -42.18
N HIS B 38 8.51 -17.76 -41.73
CA HIS B 38 8.79 -19.16 -42.17
C HIS B 38 9.43 -20.04 -41.07
N HIS B 39 8.83 -21.21 -40.77
CA HIS B 39 9.32 -22.27 -39.82
C HIS B 39 9.96 -23.43 -40.61
N PRO C 14 -24.81 9.58 -1.65
CA PRO C 14 -24.65 9.21 -3.10
C PRO C 14 -24.19 10.45 -3.91
N LYS C 15 -22.88 10.72 -3.85
CA LYS C 15 -22.29 12.08 -4.05
C LYS C 15 -22.65 12.66 -5.42
N LEU C 16 -22.77 11.85 -6.47
CA LEU C 16 -23.05 12.35 -7.85
C LEU C 16 -24.50 12.86 -7.96
N TRP C 17 -25.48 12.13 -7.41
CA TRP C 17 -26.91 12.52 -7.46
C TRP C 17 -27.14 13.75 -6.57
N LEU C 18 -26.53 13.82 -5.38
CA LEU C 18 -26.59 15.00 -4.48
C LEU C 18 -26.04 16.22 -5.23
N THR C 19 -24.98 16.04 -6.04
CA THR C 19 -24.31 17.14 -6.78
C THR C 19 -25.24 17.62 -7.90
N ARG C 20 -25.87 16.69 -8.62
CA ARG C 20 -26.88 16.98 -9.68
C ARG C 20 -28.08 17.71 -9.05
N LEU C 21 -28.53 17.26 -7.89
CA LEU C 21 -29.67 17.87 -7.16
C LEU C 21 -29.33 19.34 -6.88
N ALA C 22 -28.19 19.61 -6.23
CA ALA C 22 -27.69 20.97 -5.93
C ALA C 22 -27.55 21.80 -7.22
N GLY C 23 -27.09 21.19 -8.31
CA GLY C 23 -26.91 21.86 -9.61
C GLY C 23 -28.26 22.28 -10.18
N TRP C 24 -29.23 21.38 -10.15
CA TRP C 24 -30.65 21.67 -10.51
C TRP C 24 -31.15 22.84 -9.65
N GLY C 25 -31.15 22.66 -8.33
CA GLY C 25 -31.43 23.73 -7.35
C GLY C 25 -30.76 25.03 -7.73
N ALA C 26 -29.44 25.06 -7.80
CA ALA C 26 -28.62 26.29 -7.91
C ALA C 26 -28.83 26.96 -9.27
N SER C 27 -29.44 26.27 -10.23
CA SER C 27 -29.64 26.81 -11.60
C SER C 27 -31.04 27.42 -11.77
N LYS C 28 -31.99 27.16 -10.84
CA LYS C 28 -33.42 27.58 -10.90
C LYS C 28 -33.55 29.05 -10.45
N ARG C 29 -34.33 29.85 -11.17
CA ARG C 29 -34.61 31.28 -10.87
C ARG C 29 -35.90 31.37 -10.04
N ALA C 30 -35.79 31.27 -8.70
CA ALA C 30 -36.94 31.06 -7.76
C ALA C 30 -37.12 32.26 -6.83
N GLY C 31 -36.86 33.47 -7.32
CA GLY C 31 -37.10 34.74 -6.59
C GLY C 31 -36.82 34.60 -5.10
N TRP C 32 -37.88 34.48 -4.29
CA TRP C 32 -37.80 34.60 -2.80
C TRP C 32 -37.03 33.41 -2.22
N LEU C 33 -37.27 32.17 -2.70
CA LEU C 33 -36.57 30.94 -2.21
C LEU C 33 -35.07 31.04 -2.53
N THR C 34 -34.72 31.59 -3.69
CA THR C 34 -33.32 31.85 -4.13
C THR C 34 -32.66 32.86 -3.17
N LYS C 35 -33.32 33.99 -2.89
CA LYS C 35 -32.79 35.05 -1.97
C LYS C 35 -32.72 34.48 -0.55
N LEU C 36 -33.62 33.55 -0.19
CA LEU C 36 -33.69 32.97 1.18
C LEU C 36 -32.46 32.09 1.40
N VAL C 37 -32.20 31.15 0.49
CA VAL C 37 -31.02 30.24 0.55
C VAL C 37 -29.74 31.09 0.43
N ILE C 38 -29.70 32.08 -0.47
CA ILE C 38 -28.51 32.98 -0.58
C ILE C 38 -28.30 33.67 0.77
N ASP C 39 -29.39 34.16 1.39
CA ASP C 39 -29.31 34.95 2.65
C ASP C 39 -28.85 34.01 3.79
N LEU C 40 -29.46 32.83 3.91
CA LEU C 40 -29.05 31.83 4.94
C LEU C 40 -27.55 31.52 4.75
N PHE C 41 -27.13 31.33 3.49
CA PHE C 41 -25.73 31.01 3.10
C PHE C 41 -24.80 32.14 3.57
N VAL C 42 -25.11 33.39 3.19
CA VAL C 42 -24.26 34.58 3.51
C VAL C 42 -24.10 34.64 5.03
N LYS C 43 -25.14 34.33 5.79
CA LYS C 43 -25.15 34.40 7.29
C LYS C 43 -24.25 33.29 7.85
N TYR C 44 -24.53 32.03 7.51
CA TYR C 44 -23.85 30.83 8.08
C TYR C 44 -22.34 30.89 7.82
N TYR C 45 -21.90 31.37 6.64
CA TYR C 45 -20.50 31.27 6.17
C TYR C 45 -19.74 32.60 6.35
N LYS C 46 -20.45 33.71 6.59
CA LYS C 46 -19.86 35.04 6.89
C LYS C 46 -19.23 35.61 5.61
N VAL C 47 -20.02 35.74 4.54
CA VAL C 47 -19.59 36.25 3.21
C VAL C 47 -19.46 37.77 3.26
N ASP C 48 -18.27 38.31 2.97
CA ASP C 48 -18.05 39.78 2.85
C ASP C 48 -18.67 40.29 1.55
N MET C 49 -19.97 40.58 1.54
CA MET C 49 -20.71 41.13 0.37
C MET C 49 -20.24 42.54 0.05
N LYS C 50 -19.47 43.20 0.93
CA LYS C 50 -18.90 44.55 0.67
C LYS C 50 -17.90 44.47 -0.49
N GLU C 51 -17.24 43.31 -0.66
CA GLU C 51 -16.21 43.07 -1.71
C GLU C 51 -16.89 42.78 -3.06
N ALA C 52 -18.18 42.41 -3.06
CA ALA C 52 -18.94 42.03 -4.27
C ALA C 52 -19.24 43.28 -5.12
N GLN C 53 -19.27 43.09 -6.44
CA GLN C 53 -19.68 44.12 -7.44
C GLN C 53 -21.14 44.51 -7.20
N LYS C 54 -21.99 43.56 -6.79
CA LYS C 54 -23.43 43.75 -6.48
C LYS C 54 -23.68 43.25 -5.06
N PRO C 55 -23.59 44.11 -4.01
CA PRO C 55 -23.77 43.69 -2.61
C PRO C 55 -25.20 43.30 -2.22
N ASP C 56 -26.19 43.68 -3.02
CA ASP C 56 -27.62 43.38 -2.77
C ASP C 56 -27.87 41.91 -3.11
N THR C 57 -28.21 41.09 -2.12
CA THR C 57 -28.48 39.63 -2.30
C THR C 57 -29.66 39.44 -3.25
N ALA C 58 -30.44 40.48 -3.52
CA ALA C 58 -31.63 40.43 -4.42
C ALA C 58 -31.19 40.50 -5.89
N SER C 59 -29.95 40.92 -6.16
CA SER C 59 -29.42 41.18 -7.53
C SER C 59 -29.20 39.85 -8.29
N TYR C 60 -29.23 38.71 -7.60
CA TYR C 60 -28.78 37.39 -8.13
C TYR C 60 -30.01 36.56 -8.52
N ARG C 61 -30.18 36.31 -9.83
CA ARG C 61 -31.33 35.55 -10.40
C ARG C 61 -31.35 34.11 -9.85
N THR C 62 -30.19 33.44 -9.77
CA THR C 62 -30.03 32.03 -9.27
C THR C 62 -28.96 31.98 -8.18
N PHE C 63 -28.92 30.89 -7.39
CA PHE C 63 -27.89 30.69 -6.34
C PHE C 63 -26.50 30.73 -6.99
N ASN C 64 -26.37 30.03 -8.14
CA ASN C 64 -25.10 29.92 -8.91
C ASN C 64 -24.59 31.31 -9.29
N GLU C 65 -25.45 32.20 -9.81
CA GLU C 65 -25.05 33.58 -10.20
C GLU C 65 -24.31 34.22 -9.01
N PHE C 66 -24.81 33.96 -7.80
CA PHE C 66 -24.24 34.47 -6.52
C PHE C 66 -22.94 33.73 -6.20
N PHE C 67 -22.91 32.41 -6.36
CA PHE C 67 -21.73 31.57 -6.02
C PHE C 67 -20.53 32.08 -6.83
N VAL C 68 -20.76 32.30 -8.12
CA VAL C 68 -19.74 32.79 -9.11
C VAL C 68 -19.73 34.32 -9.16
N ARG C 69 -20.18 34.99 -8.09
CA ARG C 69 -20.33 36.47 -8.07
C ARG C 69 -18.97 37.12 -8.38
N PRO C 70 -18.97 38.19 -9.21
CA PRO C 70 -17.77 39.00 -9.43
C PRO C 70 -17.47 39.95 -8.28
N LEU C 71 -16.19 40.32 -8.13
CA LEU C 71 -15.71 41.26 -7.09
C LEU C 71 -15.57 42.68 -7.67
N ARG C 72 -15.46 43.66 -6.77
CA ARG C 72 -15.20 45.09 -7.14
CA ARG C 72 -15.19 45.10 -7.10
C ARG C 72 -13.81 45.19 -7.76
N ASP C 73 -13.69 45.95 -8.85
CA ASP C 73 -12.45 46.05 -9.66
C ASP C 73 -11.24 46.38 -8.76
N GLU C 74 -11.38 47.33 -7.84
CA GLU C 74 -10.24 47.92 -7.07
C GLU C 74 -9.65 46.89 -6.08
N VAL C 75 -10.42 45.86 -5.71
CA VAL C 75 -10.28 45.20 -4.36
C VAL C 75 -9.28 44.03 -4.44
N ARG C 76 -8.82 43.66 -5.65
CA ARG C 76 -7.79 42.61 -5.86
C ARG C 76 -6.66 43.17 -6.74
N PRO C 77 -5.83 44.06 -6.18
CA PRO C 77 -4.73 44.65 -6.93
C PRO C 77 -3.69 43.58 -7.28
N ILE C 78 -3.23 43.59 -8.53
CA ILE C 78 -2.22 42.67 -9.12
C ILE C 78 -0.83 43.29 -8.92
N ASP C 79 0.05 42.64 -8.16
CA ASP C 79 1.48 43.04 -8.00
C ASP C 79 2.08 43.25 -9.40
N THR C 80 2.63 44.44 -9.65
CA THR C 80 3.10 44.90 -10.99
C THR C 80 4.53 44.41 -11.28
N ASP C 81 5.25 43.94 -10.25
CA ASP C 81 6.65 43.44 -10.41
C ASP C 81 6.61 42.23 -11.34
N PRO C 82 7.27 42.27 -12.53
CA PRO C 82 7.15 41.17 -13.49
C PRO C 82 7.89 39.91 -13.06
N ASN C 83 8.73 39.99 -12.01
CA ASN C 83 9.45 38.83 -11.44
C ASN C 83 8.63 38.24 -10.30
N VAL C 84 7.42 38.73 -10.07
CA VAL C 84 6.51 38.18 -9.03
C VAL C 84 5.38 37.43 -9.72
N LEU C 85 5.20 36.18 -9.30
CA LEU C 85 4.00 35.35 -9.59
C LEU C 85 3.02 35.60 -8.46
N VAL C 86 1.75 35.80 -8.78
CA VAL C 86 0.72 36.26 -7.81
C VAL C 86 -0.25 35.10 -7.52
N MET C 87 -1.01 35.20 -6.44
CA MET C 87 -1.96 34.14 -5.99
C MET C 87 -3.10 34.07 -7.00
N PRO C 88 -3.51 32.85 -7.43
CA PRO C 88 -4.57 32.71 -8.41
C PRO C 88 -6.01 32.62 -7.87
N ALA C 89 -6.18 32.47 -6.55
CA ALA C 89 -7.52 32.21 -5.96
C ALA C 89 -7.60 32.69 -4.51
N ASP C 90 -8.79 33.20 -4.14
CA ASP C 90 -9.15 33.59 -2.76
C ASP C 90 -9.36 32.30 -1.97
N GLY C 91 -8.87 32.26 -0.73
CA GLY C 91 -8.99 31.10 0.17
C GLY C 91 -7.81 31.04 1.11
N VAL C 92 -7.40 29.82 1.48
CA VAL C 92 -6.24 29.54 2.36
C VAL C 92 -5.34 28.51 1.68
N ILE C 93 -4.03 28.61 1.93
CA ILE C 93 -3.03 27.58 1.54
C ILE C 93 -3.39 26.28 2.26
N SER C 94 -3.48 25.17 1.52
CA SER C 94 -3.63 23.80 2.08
C SER C 94 -2.24 23.26 2.45
N GLN C 95 -1.37 23.16 1.46
CA GLN C 95 0.07 22.84 1.59
C GLN C 95 0.81 23.52 0.43
N LEU C 96 2.12 23.67 0.52
CA LEU C 96 2.96 24.17 -0.59
C LEU C 96 4.41 23.78 -0.30
N GLY C 97 5.27 23.82 -1.32
CA GLY C 97 6.71 23.60 -1.16
C GLY C 97 7.32 22.84 -2.31
N LYS C 98 8.42 22.14 -2.01
CA LYS C 98 9.20 21.39 -3.01
C LYS C 98 8.41 20.13 -3.37
N ILE C 99 8.39 19.76 -4.65
CA ILE C 99 7.93 18.41 -5.08
C ILE C 99 9.11 17.46 -4.87
N GLU C 100 9.01 16.55 -3.90
CA GLU C 100 10.11 15.60 -3.53
C GLU C 100 10.17 14.50 -4.57
N GLU C 101 10.96 14.71 -5.62
CA GLU C 101 10.96 13.88 -6.85
C GLU C 101 9.54 13.91 -7.46
N ASP C 102 8.72 12.89 -7.20
CA ASP C 102 7.36 12.71 -7.74
C ASP C 102 6.33 13.04 -6.64
N LYS C 103 6.75 13.12 -5.38
CA LYS C 103 5.85 13.13 -4.19
C LYS C 103 5.44 14.58 -3.89
N ILE C 104 4.12 14.80 -3.76
CA ILE C 104 3.45 16.05 -3.32
C ILE C 104 2.76 15.78 -1.98
N LEU C 105 2.88 16.70 -1.01
CA LEU C 105 2.27 16.54 0.33
C LEU C 105 0.78 16.92 0.24
N GLN C 106 -0.08 16.07 0.79
CA GLN C 106 -1.54 16.30 0.90
C GLN C 106 -1.82 16.82 2.32
N ALA C 107 -1.23 16.16 3.32
CA ALA C 107 -1.47 16.36 4.77
C ALA C 107 -0.53 15.45 5.56
N LYS C 108 -0.56 15.51 6.90
CA LYS C 108 0.24 14.63 7.80
C LYS C 108 0.03 13.18 7.35
N GLY C 109 1.08 12.54 6.81
CA GLY C 109 1.11 11.10 6.48
C GLY C 109 0.23 10.74 5.31
N HIS C 110 0.04 11.67 4.37
CA HIS C 110 -0.57 11.39 3.04
C HIS C 110 0.24 12.15 1.98
N ASN C 111 0.93 11.40 1.13
CA ASN C 111 1.65 11.91 -0.06
C ASN C 111 0.81 11.56 -1.28
N TYR C 112 1.00 12.22 -2.40
CA TYR C 112 0.40 11.78 -3.69
C TYR C 112 1.35 12.04 -4.84
N SER C 113 1.23 11.21 -5.86
CA SER C 113 2.12 11.14 -7.04
C SER C 113 1.80 12.33 -7.96
N LEU C 114 2.84 12.96 -8.49
CA LEU C 114 2.74 13.98 -9.56
C LEU C 114 2.08 13.36 -10.80
N GLU C 115 2.47 12.14 -11.14
CA GLU C 115 1.91 11.38 -12.30
C GLU C 115 0.45 11.01 -12.05
N ALA C 116 0.07 10.66 -10.82
CA ALA C 116 -1.34 10.36 -10.48
C ALA C 116 -2.17 11.62 -10.73
N LEU C 117 -1.72 12.76 -10.19
CA LEU C 117 -2.42 14.07 -10.32
C LEU C 117 -2.63 14.37 -11.80
N LEU C 118 -1.64 14.11 -12.65
CA LEU C 118 -1.72 14.45 -14.09
C LEU C 118 -2.22 13.25 -14.89
N ALA C 119 -2.97 12.34 -14.27
CA ALA C 119 -3.76 11.31 -14.99
C ALA C 119 -2.83 10.47 -15.86
N GLY C 120 -1.67 10.11 -15.30
CA GLY C 120 -0.69 9.19 -15.90
C GLY C 120 0.13 9.85 -17.00
N ASN C 121 0.08 11.18 -17.12
CA ASN C 121 0.80 11.95 -18.17
C ASN C 121 2.28 12.09 -17.77
N TYR C 122 3.09 11.05 -18.03
CA TYR C 122 4.49 10.95 -17.55
C TYR C 122 5.34 12.07 -18.17
N LEU C 123 5.09 12.47 -19.43
CA LEU C 123 5.84 13.60 -20.05
C LEU C 123 5.58 14.91 -19.30
N MET C 124 4.31 15.23 -19.00
CA MET C 124 3.98 16.49 -18.27
C MET C 124 4.58 16.40 -16.86
N ALA C 125 4.40 15.26 -16.18
CA ALA C 125 4.91 15.07 -14.82
C ALA C 125 6.42 15.37 -14.81
N ASP C 126 7.14 15.01 -15.87
CA ASP C 126 8.63 15.08 -15.80
C ASP C 126 9.07 16.55 -15.91
N LEU C 127 8.24 17.44 -16.44
CA LEU C 127 8.53 18.90 -16.48
C LEU C 127 8.60 19.46 -15.05
N PHE C 128 7.92 18.82 -14.10
CA PHE C 128 7.66 19.37 -12.74
C PHE C 128 8.32 18.53 -11.65
N ARG C 129 9.04 17.47 -11.99
CA ARG C 129 9.77 16.63 -11.01
C ARG C 129 10.79 17.52 -10.31
N ASN C 130 10.81 17.50 -8.97
CA ASN C 130 11.66 18.33 -8.08
C ASN C 130 11.32 19.81 -8.20
N GLY C 131 10.14 20.13 -8.72
CA GLY C 131 9.69 21.53 -8.86
C GLY C 131 9.02 22.00 -7.59
N THR C 132 8.07 22.93 -7.75
CA THR C 132 7.33 23.61 -6.68
C THR C 132 5.84 23.34 -6.87
N PHE C 133 5.08 23.17 -5.79
CA PHE C 133 3.60 23.11 -5.82
C PHE C 133 3.01 24.08 -4.82
N VAL C 134 1.78 24.51 -5.12
CA VAL C 134 0.93 25.31 -4.21
C VAL C 134 -0.48 24.72 -4.37
N THR C 135 -1.09 24.34 -3.26
CA THR C 135 -2.47 23.80 -3.21
C THR C 135 -3.28 24.82 -2.42
N THR C 136 -4.24 25.48 -3.08
CA THR C 136 -5.13 26.53 -2.51
C THR C 136 -6.52 25.93 -2.30
N TYR C 137 -7.08 26.02 -1.09
CA TYR C 137 -8.45 25.58 -0.76
C TYR C 137 -9.39 26.80 -0.81
N LEU C 138 -10.47 26.70 -1.61
CA LEU C 138 -11.55 27.72 -1.68
C LEU C 138 -12.69 27.29 -0.76
N SER C 139 -12.86 27.97 0.38
CA SER C 139 -14.00 27.77 1.33
C SER C 139 -15.27 28.31 0.69
N PRO C 140 -16.47 27.83 1.09
CA PRO C 140 -17.72 28.29 0.48
C PRO C 140 -17.95 29.81 0.54
N ARG C 141 -17.39 30.48 1.55
CA ARG C 141 -17.56 31.94 1.73
C ARG C 141 -16.80 32.68 0.63
N ASP C 142 -15.71 32.12 0.11
CA ASP C 142 -14.73 32.80 -0.79
C ASP C 142 -15.31 32.99 -2.19
N TYR C 143 -14.74 33.95 -2.94
CA TYR C 143 -14.87 34.15 -4.41
C TYR C 143 -14.44 32.84 -5.09
N HIS C 144 -15.21 32.38 -6.08
CA HIS C 144 -15.05 31.04 -6.70
C HIS C 144 -14.62 31.14 -8.17
N ARG C 145 -14.05 32.26 -8.58
CA ARG C 145 -13.34 32.35 -9.87
C ARG C 145 -11.84 32.25 -9.58
N VAL C 146 -11.08 31.79 -10.58
CA VAL C 146 -9.63 31.50 -10.49
C VAL C 146 -8.93 32.35 -11.54
N HIS C 147 -7.82 33.00 -11.16
CA HIS C 147 -7.08 33.99 -11.98
C HIS C 147 -5.66 33.48 -12.27
N MET C 148 -5.02 34.01 -13.31
CA MET C 148 -3.67 33.60 -13.73
C MET C 148 -2.66 34.10 -12.71
N PRO C 149 -1.68 33.27 -12.30
CA PRO C 149 -0.59 33.72 -11.43
C PRO C 149 0.44 34.61 -12.15
N CYS C 150 0.47 34.52 -13.47
CA CYS C 150 1.44 35.23 -14.34
C CYS C 150 0.97 35.15 -15.80
N ASN C 151 1.60 35.93 -16.69
CA ASN C 151 1.35 35.86 -18.15
C ASN C 151 1.61 34.42 -18.59
N GLY C 152 0.79 33.88 -19.49
CA GLY C 152 1.01 32.54 -20.06
C GLY C 152 0.31 32.35 -21.39
N ILE C 153 0.90 31.51 -22.24
CA ILE C 153 0.25 30.93 -23.45
C ILE C 153 -0.33 29.57 -23.02
N LEU C 154 -1.64 29.37 -23.18
CA LEU C 154 -2.31 28.05 -22.99
C LEU C 154 -1.79 27.09 -24.05
N ARG C 155 -1.24 25.96 -23.64
CA ARG C 155 -0.68 24.91 -24.54
C ARG C 155 -1.55 23.64 -24.49
N GLU C 156 -2.09 23.29 -23.34
CA GLU C 156 -2.71 21.95 -23.11
C GLU C 156 -3.78 22.10 -22.04
N MET C 157 -4.96 21.53 -22.26
CA MET C 157 -6.00 21.33 -21.21
C MET C 157 -6.46 19.86 -21.23
N ILE C 158 -6.53 19.23 -20.06
CA ILE C 158 -6.95 17.80 -19.91
C ILE C 158 -8.08 17.75 -18.90
N TYR C 159 -9.25 17.25 -19.30
CA TYR C 159 -10.36 16.90 -18.38
C TYR C 159 -10.16 15.46 -17.91
N VAL C 160 -10.25 15.25 -16.60
CA VAL C 160 -10.00 13.93 -15.93
C VAL C 160 -11.28 13.53 -15.19
N PRO C 161 -11.94 12.43 -15.59
CA PRO C 161 -13.09 11.90 -14.86
C PRO C 161 -12.64 11.52 -13.45
N GLY C 162 -13.52 11.55 -12.46
CA GLY C 162 -13.10 11.22 -11.09
C GLY C 162 -14.25 11.11 -10.11
N ASP C 163 -13.90 10.93 -8.85
CA ASP C 163 -14.85 10.85 -7.71
C ASP C 163 -15.25 12.29 -7.40
N LEU C 164 -16.22 12.49 -6.50
CA LEU C 164 -16.64 13.82 -6.02
C LEU C 164 -16.56 13.82 -4.49
N PHE C 165 -15.46 13.33 -3.95
CA PHE C 165 -15.13 13.43 -2.51
C PHE C 165 -15.26 14.90 -2.12
N SER C 166 -15.59 15.18 -0.86
CA SER C 166 -15.53 16.53 -0.26
C SER C 166 -14.06 16.91 -0.13
N VAL C 167 -13.73 18.16 -0.42
CA VAL C 167 -12.38 18.74 -0.14
C VAL C 167 -12.53 19.65 1.08
N ASN C 168 -11.70 19.43 2.08
CA ASN C 168 -11.60 20.23 3.32
C ASN C 168 -10.46 19.63 4.14
N HIS C 169 -10.05 20.35 5.19
CA HIS C 169 -8.99 19.89 6.13
C HIS C 169 -9.31 18.44 6.57
N LEU C 170 -10.56 18.11 6.88
CA LEU C 170 -10.95 16.77 7.41
C LEU C 170 -10.65 15.69 6.35
N THR C 171 -11.20 15.77 5.15
CA THR C 171 -11.03 14.76 4.07
C THR C 171 -9.58 14.78 3.55
N ALA C 172 -8.94 15.95 3.48
CA ALA C 172 -7.54 16.11 3.04
C ALA C 172 -6.63 15.31 3.99
N GLN C 173 -7.04 15.19 5.25
CA GLN C 173 -6.24 14.55 6.33
C GLN C 173 -6.48 13.05 6.37
N ASN C 174 -7.46 12.54 5.62
CA ASN C 174 -8.04 11.18 5.82
C ASN C 174 -8.28 10.41 4.52
N VAL C 175 -8.54 11.06 3.38
CA VAL C 175 -8.81 10.37 2.08
C VAL C 175 -7.52 10.30 1.29
N PRO C 176 -6.97 9.10 1.04
CA PRO C 176 -5.77 8.96 0.22
C PRO C 176 -5.99 9.38 -1.25
N ASN C 177 -4.99 10.08 -1.83
CA ASN C 177 -4.96 10.50 -3.25
C ASN C 177 -6.20 11.35 -3.62
N LEU C 178 -6.68 12.17 -2.68
CA LEU C 178 -7.96 12.93 -2.81
C LEU C 178 -7.95 13.73 -4.11
N PHE C 179 -6.91 14.54 -4.35
CA PHE C 179 -6.85 15.45 -5.52
C PHE C 179 -6.54 14.67 -6.80
N ALA C 180 -5.90 13.50 -6.69
CA ALA C 180 -5.53 12.66 -7.84
C ALA C 180 -6.72 11.81 -8.30
N ARG C 181 -7.76 11.66 -7.48
CA ARG C 181 -8.91 10.79 -7.86
C ARG C 181 -10.21 11.57 -8.05
N ASN C 182 -10.29 12.82 -7.59
CA ASN C 182 -11.46 13.71 -7.81
C ASN C 182 -11.40 14.32 -9.22
N GLU C 183 -12.56 14.33 -9.90
CA GLU C 183 -12.80 15.01 -11.20
C GLU C 183 -12.06 16.37 -11.23
N ARG C 184 -11.35 16.68 -12.31
CA ARG C 184 -10.54 17.91 -12.37
C ARG C 184 -10.20 18.29 -13.82
N VAL C 185 -9.75 19.54 -13.99
CA VAL C 185 -9.26 20.13 -15.26
C VAL C 185 -7.82 20.62 -15.04
N ILE C 186 -6.87 20.04 -15.77
CA ILE C 186 -5.43 20.42 -15.78
C ILE C 186 -5.21 21.41 -16.92
N CYS C 187 -4.62 22.56 -16.64
CA CYS C 187 -4.27 23.61 -17.63
C CYS C 187 -2.76 23.83 -17.61
N LEU C 188 -2.07 23.65 -18.75
CA LEU C 188 -0.59 23.81 -18.89
C LEU C 188 -0.30 25.01 -19.78
N PHE C 189 0.46 25.97 -19.27
CA PHE C 189 0.88 27.22 -19.97
C PHE C 189 2.40 27.25 -20.17
N ASP C 190 2.85 27.86 -21.25
CA ASP C 190 4.24 28.38 -21.37
C ASP C 190 4.27 29.76 -20.71
N THR C 191 5.25 30.02 -19.85
CA THR C 191 5.44 31.32 -19.17
C THR C 191 6.90 31.74 -19.24
N GLU C 192 7.20 32.96 -18.81
CA GLU C 192 8.59 33.47 -18.64
C GLU C 192 9.28 32.66 -17.53
N PHE C 193 8.58 31.80 -16.79
CA PHE C 193 9.14 30.99 -15.68
C PHE C 193 9.11 29.51 -16.03
N GLY C 194 9.03 29.20 -17.33
CA GLY C 194 9.01 27.83 -17.86
C GLY C 194 7.58 27.31 -17.95
N PRO C 195 7.38 25.97 -17.98
CA PRO C 195 6.04 25.40 -17.96
C PRO C 195 5.40 25.68 -16.59
N MET C 196 4.09 25.93 -16.60
CA MET C 196 3.28 26.18 -15.38
C MET C 196 1.93 25.47 -15.52
N ALA C 197 1.58 24.65 -14.55
CA ALA C 197 0.30 23.92 -14.49
C ALA C 197 -0.60 24.61 -13.46
N GLN C 198 -1.86 24.83 -13.81
CA GLN C 198 -2.91 25.29 -12.87
C GLN C 198 -4.05 24.30 -13.01
N ILE C 199 -4.39 23.63 -11.91
CA ILE C 199 -5.33 22.47 -11.88
C ILE C 199 -6.54 22.83 -11.02
N LEU C 200 -7.73 22.75 -11.61
CA LEU C 200 -9.01 23.02 -10.93
C LEU C 200 -9.60 21.67 -10.53
N VAL C 201 -9.65 21.40 -9.22
CA VAL C 201 -10.17 20.12 -8.67
C VAL C 201 -11.55 20.36 -8.09
N GLY C 202 -12.55 19.65 -8.62
CA GLY C 202 -13.96 19.70 -8.17
C GLY C 202 -14.17 18.89 -6.92
N ALA C 203 -15.37 18.96 -6.36
CA ALA C 203 -15.78 18.29 -5.10
C ALA C 203 -17.30 18.06 -5.11
N THR C 204 -17.81 17.35 -4.10
CA THR C 204 -19.27 17.14 -3.87
C THR C 204 -19.93 18.52 -3.93
N ILE C 205 -21.07 18.63 -4.61
CA ILE C 205 -21.94 19.85 -4.71
C ILE C 205 -21.27 20.86 -5.65
N VAL C 206 -20.12 21.44 -5.25
CA VAL C 206 -19.32 22.37 -6.10
C VAL C 206 -18.46 21.52 -7.04
N GLY C 207 -19.08 20.98 -8.09
CA GLY C 207 -18.47 20.00 -9.00
C GLY C 207 -18.41 20.49 -10.44
N SER C 208 -18.89 21.70 -10.72
CA SER C 208 -18.87 22.27 -12.08
C SER C 208 -17.62 23.13 -12.23
N ILE C 209 -16.85 22.89 -13.29
CA ILE C 209 -15.59 23.61 -13.62
C ILE C 209 -15.78 24.27 -14.98
N GLU C 210 -15.41 25.55 -15.08
CA GLU C 210 -15.39 26.31 -16.34
C GLU C 210 -13.98 26.83 -16.58
N THR C 211 -13.66 27.10 -17.84
CA THR C 211 -12.55 28.00 -18.24
C THR C 211 -13.13 29.08 -19.16
N VAL C 212 -12.49 30.25 -19.20
CA VAL C 212 -12.94 31.44 -20.00
C VAL C 212 -12.87 31.11 -21.49
N TRP C 213 -12.00 30.19 -21.91
CA TRP C 213 -11.76 29.85 -23.34
C TRP C 213 -12.65 28.70 -23.82
N ALA C 214 -13.29 27.96 -22.92
CA ALA C 214 -14.04 26.73 -23.31
C ALA C 214 -15.45 26.69 -22.70
N GLY C 215 -15.78 27.57 -21.76
CA GLY C 215 -17.07 27.52 -21.04
C GLY C 215 -17.05 26.42 -20.00
N THR C 216 -18.20 25.83 -19.72
CA THR C 216 -18.35 24.74 -18.73
C THR C 216 -17.73 23.48 -19.33
N ILE C 217 -16.73 22.92 -18.64
CA ILE C 217 -16.09 21.62 -19.01
C ILE C 217 -17.01 20.50 -18.50
N THR C 218 -17.51 20.64 -17.28
CA THR C 218 -18.31 19.63 -16.57
C THR C 218 -19.33 20.35 -15.69
N PRO C 219 -20.61 19.93 -15.65
CA PRO C 219 -21.13 18.80 -16.43
C PRO C 219 -21.29 19.17 -17.91
N PRO C 220 -21.64 18.21 -18.80
CA PRO C 220 -21.91 16.81 -18.44
C PRO C 220 -20.65 15.99 -18.13
N ARG C 221 -20.84 14.79 -17.57
CA ARG C 221 -19.78 13.85 -17.14
C ARG C 221 -19.82 12.62 -18.04
N GLU C 222 -19.01 12.59 -19.11
CA GLU C 222 -19.07 11.56 -20.18
C GLU C 222 -18.18 10.37 -19.83
N GLY C 223 -17.39 10.49 -18.77
CA GLY C 223 -16.62 9.38 -18.16
C GLY C 223 -15.28 9.09 -18.83
N ILE C 224 -14.85 9.88 -19.81
CA ILE C 224 -13.55 9.68 -20.53
C ILE C 224 -12.65 10.89 -20.30
N ILE C 225 -11.34 10.69 -20.33
CA ILE C 225 -10.30 11.76 -20.41
C ILE C 225 -10.41 12.40 -21.79
N LYS C 226 -10.48 13.74 -21.84
CA LYS C 226 -10.39 14.54 -23.09
C LYS C 226 -9.17 15.45 -22.96
N ARG C 227 -8.38 15.56 -24.03
CA ARG C 227 -7.19 16.44 -24.13
C ARG C 227 -7.40 17.44 -25.28
N TRP C 228 -7.22 18.73 -25.01
CA TRP C 228 -7.10 19.80 -26.02
C TRP C 228 -5.69 20.39 -25.98
N THR C 229 -5.17 20.78 -27.14
CA THR C 229 -3.87 21.47 -27.29
C THR C 229 -4.08 22.78 -28.04
N TRP C 230 -3.18 23.73 -27.81
CA TRP C 230 -3.09 25.03 -28.53
C TRP C 230 -1.64 25.26 -28.93
N PRO C 231 -1.39 26.04 -29.99
CA PRO C 231 -0.01 26.28 -30.45
C PRO C 231 0.75 27.25 -29.56
N ALA C 232 2.07 27.33 -29.75
CA ALA C 232 2.98 28.31 -29.10
C ALA C 232 2.53 29.75 -29.43
N GLY C 233 2.97 30.74 -28.65
CA GLY C 233 2.47 32.13 -28.71
C GLY C 233 2.61 32.74 -30.10
N GLU C 234 3.75 32.50 -30.76
CA GLU C 234 4.09 32.98 -32.12
C GLU C 234 2.93 32.65 -33.10
N ASN C 235 2.52 31.38 -33.16
CA ASN C 235 1.64 30.82 -34.21
C ASN C 235 0.22 31.42 -34.14
N ASP C 236 -0.53 31.29 -35.23
CA ASP C 236 -1.91 31.82 -35.39
C ASP C 236 -2.86 30.89 -34.63
N GLY C 237 -3.86 31.45 -33.94
CA GLY C 237 -4.85 30.71 -33.13
C GLY C 237 -4.38 30.45 -31.72
N SER C 238 -3.24 31.03 -31.31
CA SER C 238 -2.68 30.93 -29.93
C SER C 238 -3.58 31.72 -28.97
N VAL C 239 -3.68 31.27 -27.71
CA VAL C 239 -4.53 31.88 -26.65
C VAL C 239 -3.59 32.30 -25.52
N ALA C 240 -3.47 33.61 -25.30
CA ALA C 240 -2.64 34.23 -24.24
C ALA C 240 -3.54 34.78 -23.13
N LEU C 241 -3.08 34.70 -21.88
CA LEU C 241 -3.73 35.37 -20.74
C LEU C 241 -2.66 36.12 -19.96
N LEU C 242 -3.07 37.18 -19.27
CA LEU C 242 -2.19 38.11 -18.52
C LEU C 242 -2.27 37.80 -17.03
N LYS C 243 -1.18 38.04 -16.30
CA LYS C 243 -1.16 38.00 -14.82
C LYS C 243 -2.45 38.64 -14.30
N GLY C 244 -3.15 37.99 -13.39
CA GLY C 244 -4.37 38.49 -12.73
C GLY C 244 -5.65 38.24 -13.50
N GLN C 245 -5.59 37.85 -14.77
CA GLN C 245 -6.80 37.70 -15.61
C GLN C 245 -7.58 36.44 -15.19
N GLU C 246 -8.91 36.51 -15.17
CA GLU C 246 -9.80 35.34 -14.93
C GLU C 246 -9.49 34.27 -15.98
N MET C 247 -9.26 33.03 -15.55
CA MET C 247 -9.05 31.85 -16.44
C MET C 247 -10.17 30.81 -16.26
N GLY C 248 -10.87 30.79 -15.12
CA GLY C 248 -11.91 29.78 -14.86
C GLY C 248 -12.62 30.00 -13.54
N ARG C 249 -13.55 29.10 -13.18
CA ARG C 249 -14.38 29.21 -11.95
C ARG C 249 -14.98 27.84 -11.56
N PHE C 250 -15.52 27.77 -10.34
CA PHE C 250 -16.31 26.64 -9.80
C PHE C 250 -17.74 27.09 -9.54
N LYS C 251 -18.73 26.29 -9.94
CA LYS C 251 -20.14 26.47 -9.51
C LYS C 251 -20.71 25.12 -9.11
N LEU C 252 -21.96 25.08 -8.64
CA LEU C 252 -22.64 23.85 -8.19
C LEU C 252 -23.17 23.14 -9.43
N GLY C 253 -23.16 21.79 -9.38
CA GLY C 253 -23.68 20.94 -10.48
C GLY C 253 -22.69 19.88 -10.91
C PYR D 1 -11.84 23.79 -4.34
O PYR D 1 -11.53 24.42 -3.33
CA PYR D 1 -13.11 23.44 -4.44
O3 PYR D 1 -13.44 22.73 -5.40
CB PYR D 1 -14.18 23.83 -3.45
N THR D 2 -10.77 23.57 -5.02
CA THR D 2 -9.29 23.45 -4.79
C THR D 2 -8.48 23.77 -6.06
N VAL D 3 -7.33 24.42 -5.91
CA VAL D 3 -6.50 24.84 -7.08
C VAL D 3 -5.06 24.44 -6.79
N ILE D 4 -4.46 23.67 -7.70
CA ILE D 4 -3.05 23.19 -7.56
C ILE D 4 -2.21 23.80 -8.67
N ASN D 5 -1.13 24.45 -8.28
CA ASN D 5 -0.12 24.99 -9.22
C ASN D 5 1.12 24.09 -9.17
N LEU D 6 1.74 23.86 -10.32
CA LEU D 6 3.06 23.21 -10.46
C LEU D 6 3.95 24.20 -11.19
N PHE D 7 5.14 24.45 -10.66
CA PHE D 7 6.20 25.24 -11.35
C PHE D 7 7.44 24.37 -11.51
N ALA D 8 8.19 24.61 -12.60
CA ALA D 8 9.36 23.82 -13.01
C ALA D 8 10.48 23.95 -11.98
N PRO D 9 11.37 22.94 -11.84
CA PRO D 9 12.43 22.98 -10.82
C PRO D 9 13.37 24.19 -10.99
N GLY D 10 13.74 24.81 -9.86
CA GLY D 10 14.66 25.97 -9.77
C GLY D 10 14.22 27.19 -10.58
N LYS D 11 12.91 27.40 -10.77
CA LYS D 11 12.40 28.54 -11.58
C LYS D 11 11.77 29.59 -10.66
N VAL D 12 11.23 29.21 -9.50
CA VAL D 12 10.58 30.16 -8.55
C VAL D 12 10.94 29.78 -7.11
N ASN D 13 11.02 30.77 -6.22
CA ASN D 13 10.98 30.58 -4.75
C ASN D 13 9.66 31.13 -4.20
N LEU D 14 8.96 30.32 -3.43
CA LEU D 14 7.70 30.70 -2.75
C LEU D 14 8.05 31.76 -1.71
N VAL D 15 7.24 32.81 -1.57
CA VAL D 15 7.40 33.78 -0.45
C VAL D 15 7.44 32.96 0.84
N GLU D 16 8.46 33.15 1.67
CA GLU D 16 8.77 32.28 2.84
C GLU D 16 7.67 32.40 3.91
N GLN D 17 6.93 33.51 3.95
CA GLN D 17 5.85 33.78 4.94
C GLN D 17 4.71 32.76 4.79
N LEU D 18 4.44 32.28 3.57
CA LEU D 18 3.27 31.41 3.28
C LEU D 18 3.45 30.02 3.91
N GLU D 19 2.40 29.47 4.52
CA GLU D 19 2.40 28.17 5.24
C GLU D 19 0.96 27.62 5.27
N SER D 20 0.78 26.37 5.67
CA SER D 20 -0.55 25.72 5.68
C SER D 20 -1.53 26.62 6.46
N LEU D 21 -2.65 27.01 5.85
CA LEU D 21 -3.78 27.78 6.43
C LEU D 21 -3.54 29.29 6.29
N SER D 22 -2.42 29.73 5.70
CA SER D 22 -2.20 31.15 5.29
C SER D 22 -3.36 31.62 4.42
N VAL D 23 -3.83 32.85 4.64
CA VAL D 23 -4.89 33.50 3.81
C VAL D 23 -4.30 33.88 2.46
N THR D 24 -5.06 33.70 1.38
CA THR D 24 -4.66 34.05 -0.01
C THR D 24 -5.68 35.06 -0.56
N LYS D 25 -5.21 36.09 -1.28
CA LYS D 25 -6.05 37.00 -2.11
C LYS D 25 -5.67 36.70 -3.55
N ILE D 26 -5.89 37.57 -4.52
CA ILE D 26 -5.73 37.19 -5.95
C ILE D 26 -4.57 37.96 -6.58
N GLY D 27 -4.14 39.04 -5.98
CA GLY D 27 -2.96 39.79 -6.48
C GLY D 27 -1.77 39.62 -5.58
N GLN D 28 -1.96 39.07 -4.37
CA GLN D 28 -0.90 39.06 -3.34
C GLN D 28 0.24 38.18 -3.85
N PRO D 29 1.51 38.52 -3.53
CA PRO D 29 2.66 37.69 -3.90
C PRO D 29 2.58 36.21 -3.49
N LEU D 30 2.82 35.32 -4.46
CA LEU D 30 2.87 33.85 -4.28
C LEU D 30 4.31 33.35 -4.33
N ALA D 31 5.09 33.83 -5.30
CA ALA D 31 6.49 33.41 -5.53
C ALA D 31 7.26 34.47 -6.34
N VAL D 32 8.59 34.45 -6.26
CA VAL D 32 9.50 35.36 -7.02
C VAL D 32 10.38 34.49 -7.91
N SER D 33 10.57 34.92 -9.16
CA SER D 33 11.51 34.30 -10.14
C SER D 33 12.92 34.27 -9.57
N THR D 34 13.74 33.29 -9.98
CA THR D 34 15.12 33.07 -9.49
C THR D 34 16.12 33.75 -10.47
N PHE E 5 12.94 -32.04 1.03
CA PHE E 5 14.06 -31.34 0.32
C PHE E 5 15.03 -30.78 1.37
N LYS E 6 15.78 -29.73 1.03
CA LYS E 6 16.54 -28.85 1.97
C LYS E 6 15.55 -27.88 2.66
N LEU E 7 14.39 -27.62 2.02
CA LEU E 7 13.42 -26.55 2.38
C LEU E 7 12.32 -27.07 3.33
N SER E 8 12.30 -28.36 3.72
CA SER E 8 11.47 -28.88 4.86
C SER E 8 12.34 -28.98 6.12
N LEU E 9 13.60 -29.39 6.00
CA LEU E 9 14.59 -29.41 7.12
C LEU E 9 14.77 -27.97 7.64
N GLN E 10 14.54 -26.96 6.80
CA GLN E 10 14.74 -25.52 7.09
C GLN E 10 13.62 -25.02 8.03
N TYR E 11 12.43 -25.64 7.97
CA TYR E 11 11.27 -25.30 8.85
C TYR E 11 11.15 -26.31 10.01
N ILE E 12 11.83 -27.47 9.93
CA ILE E 12 11.75 -28.56 10.97
C ILE E 12 12.89 -28.38 11.99
N LEU E 13 14.14 -28.13 11.56
CA LEU E 13 15.37 -28.11 12.42
C LEU E 13 15.30 -26.97 13.45
N PRO E 14 15.80 -27.17 14.70
CA PRO E 14 15.78 -26.11 15.72
C PRO E 14 16.94 -25.11 15.50
N LYS E 15 16.74 -24.18 14.58
CA LYS E 15 17.78 -23.29 14.00
C LYS E 15 18.49 -22.49 15.10
N LEU E 16 17.78 -22.09 16.17
CA LEU E 16 18.37 -21.25 17.26
C LEU E 16 19.38 -22.05 18.08
N TRP E 17 19.05 -23.30 18.43
CA TRP E 17 19.94 -24.18 19.25
C TRP E 17 21.20 -24.55 18.43
N LEU E 18 21.03 -24.89 17.14
CA LEU E 18 22.17 -25.18 16.21
C LEU E 18 23.08 -23.96 16.13
N THR E 19 22.51 -22.75 16.14
CA THR E 19 23.25 -21.46 16.02
C THR E 19 24.06 -21.24 17.29
N ARG E 20 23.45 -21.47 18.46
CA ARG E 20 24.12 -21.37 19.79
C ARG E 20 25.24 -22.41 19.88
N LEU E 21 24.99 -23.64 19.39
CA LEU E 21 25.99 -24.73 19.38
C LEU E 21 27.22 -24.26 18.58
N ALA E 22 27.02 -23.82 17.33
CA ALA E 22 28.08 -23.29 16.44
C ALA E 22 28.81 -22.11 17.12
N GLY E 23 28.07 -21.24 17.82
CA GLY E 23 28.64 -20.08 18.53
C GLY E 23 29.53 -20.50 19.66
N TRP E 24 29.10 -21.49 20.44
CA TRP E 24 29.91 -22.12 21.52
C TRP E 24 31.18 -22.67 20.86
N GLY E 25 31.02 -23.61 19.92
CA GLY E 25 32.14 -24.12 19.08
C GLY E 25 33.08 -23.00 18.64
N ALA E 26 32.56 -22.03 17.89
CA ALA E 26 33.37 -21.02 17.18
C ALA E 26 34.05 -20.06 18.16
N SER E 27 33.65 -20.06 19.43
CA SER E 27 34.19 -19.13 20.47
C SER E 27 35.32 -19.79 21.27
N LYS E 28 35.50 -21.12 21.19
CA LYS E 28 36.48 -21.93 21.98
C LYS E 28 37.87 -21.83 21.35
N ARG E 29 38.91 -21.64 22.18
CA ARG E 29 40.36 -21.71 21.82
C ARG E 29 40.84 -23.15 22.03
N ALA E 30 40.72 -24.00 21.00
CA ALA E 30 41.00 -25.46 21.04
C ALA E 30 42.22 -25.84 20.17
N GLY E 31 43.23 -24.96 20.09
CA GLY E 31 44.50 -25.20 19.38
C GLY E 31 44.31 -26.03 18.12
N TRP E 32 44.62 -27.34 18.18
CA TRP E 32 44.72 -28.22 16.99
C TRP E 32 43.32 -28.43 16.35
N LEU E 33 42.27 -28.64 17.16
CA LEU E 33 40.86 -28.85 16.66
C LEU E 33 40.38 -27.56 15.97
N THR E 34 40.74 -26.38 16.50
CA THR E 34 40.44 -25.05 15.91
C THR E 34 41.12 -24.93 14.54
N LYS E 35 42.43 -25.23 14.46
CA LYS E 35 43.20 -25.14 13.20
C LYS E 35 42.69 -26.20 12.21
N LEU E 36 42.19 -27.33 12.71
CA LEU E 36 41.72 -28.45 11.87
C LEU E 36 40.44 -28.02 11.16
N VAL E 37 39.45 -27.54 11.92
CA VAL E 37 38.15 -27.05 11.37
C VAL E 37 38.41 -25.83 10.48
N ILE E 38 39.30 -24.91 10.88
CA ILE E 38 39.65 -23.74 10.01
C ILE E 38 40.23 -24.28 8.69
N ASP E 39 41.12 -25.28 8.77
CA ASP E 39 41.83 -25.82 7.59
C ASP E 39 40.81 -26.57 6.71
N LEU E 40 39.96 -27.42 7.28
CA LEU E 40 38.90 -28.13 6.52
C LEU E 40 38.04 -27.08 5.82
N PHE E 41 37.67 -26.01 6.52
CA PHE E 41 36.81 -24.90 6.03
C PHE E 41 37.49 -24.25 4.82
N VAL E 42 38.75 -23.83 4.98
CA VAL E 42 39.53 -23.12 3.92
C VAL E 42 39.55 -24.02 2.68
N LYS E 43 39.69 -25.34 2.84
CA LYS E 43 39.78 -26.30 1.72
C LYS E 43 38.42 -26.41 1.02
N TYR E 44 37.36 -26.75 1.75
CA TYR E 44 36.00 -27.03 1.21
C TYR E 44 35.45 -25.81 0.47
N TYR E 45 35.68 -24.59 0.96
CA TYR E 45 35.03 -23.36 0.46
C TYR E 45 35.96 -22.54 -0.44
N LYS E 46 37.27 -22.86 -0.47
CA LYS E 46 38.27 -22.26 -1.40
C LYS E 46 38.55 -20.81 -0.98
N VAL E 47 38.99 -20.63 0.26
CA VAL E 47 39.28 -19.30 0.89
C VAL E 47 40.64 -18.82 0.39
N ASP E 48 40.68 -17.67 -0.27
CA ASP E 48 41.96 -17.03 -0.69
C ASP E 48 42.59 -16.35 0.53
N MET E 49 43.34 -17.11 1.33
CA MET E 49 44.09 -16.61 2.51
C MET E 49 45.21 -15.66 2.11
N LYS E 50 45.57 -15.57 0.82
CA LYS E 50 46.59 -14.59 0.33
C LYS E 50 46.06 -13.15 0.53
N GLU E 51 44.72 -12.97 0.50
CA GLU E 51 44.05 -11.64 0.67
C GLU E 51 44.04 -11.24 2.16
N ALA E 52 44.22 -12.20 3.08
CA ALA E 52 44.14 -11.98 4.54
C ALA E 52 45.34 -11.20 5.05
N GLN E 53 45.15 -10.37 6.07
CA GLN E 53 46.22 -9.63 6.80
C GLN E 53 47.18 -10.63 7.48
N LYS E 54 46.66 -11.78 7.95
CA LYS E 54 47.45 -12.88 8.59
C LYS E 54 47.12 -14.17 7.83
N PRO E 55 47.89 -14.55 6.78
CA PRO E 55 47.58 -15.72 5.95
C PRO E 55 47.79 -17.09 6.62
N ASP E 56 48.50 -17.11 7.76
CA ASP E 56 48.80 -18.35 8.51
C ASP E 56 47.53 -18.77 9.26
N THR E 57 46.93 -19.91 8.91
CA THR E 57 45.69 -20.42 9.56
C THR E 57 45.95 -20.69 11.05
N ALA E 58 47.20 -20.73 11.48
CA ALA E 58 47.59 -20.97 12.90
C ALA E 58 47.45 -19.67 13.71
N SER E 59 47.34 -18.50 13.05
CA SER E 59 47.35 -17.17 13.72
C SER E 59 46.03 -16.92 14.48
N TYR E 60 45.00 -17.74 14.24
CA TYR E 60 43.61 -17.52 14.70
C TYR E 60 43.32 -18.36 15.95
N ARG E 61 43.12 -17.69 17.09
CA ARG E 61 42.88 -18.33 18.41
C ARG E 61 41.57 -19.14 18.38
N THR E 62 40.50 -18.60 17.76
CA THR E 62 39.17 -19.25 17.63
C THR E 62 38.71 -19.28 16.17
N PHE E 63 37.73 -20.12 15.83
CA PHE E 63 37.17 -20.19 14.47
C PHE E 63 36.61 -18.81 14.10
N ASN E 64 35.89 -18.17 15.03
CA ASN E 64 35.27 -16.83 14.86
C ASN E 64 36.32 -15.79 14.46
N GLU E 65 37.47 -15.74 15.15
CA GLU E 65 38.58 -14.79 14.85
C GLU E 65 38.90 -14.91 13.35
N PHE E 66 38.89 -16.14 12.83
CA PHE E 66 39.17 -16.46 11.41
C PHE E 66 37.98 -16.04 10.52
N PHE E 67 36.75 -16.31 10.96
CA PHE E 67 35.52 -16.01 10.18
C PHE E 67 35.50 -14.50 9.90
N VAL E 68 35.77 -13.72 10.94
CA VAL E 68 35.80 -12.23 10.91
C VAL E 68 37.21 -11.73 10.56
N ARG E 69 38.02 -12.53 9.86
CA ARG E 69 39.46 -12.19 9.62
C ARG E 69 39.51 -10.86 8.87
N PRO E 70 40.48 -9.98 9.21
CA PRO E 70 40.74 -8.77 8.43
C PRO E 70 41.48 -9.04 7.11
N LEU E 71 41.25 -8.21 6.09
CA LEU E 71 41.94 -8.29 4.77
C LEU E 71 43.11 -7.29 4.70
N ARG E 72 44.00 -7.48 3.75
CA ARG E 72 45.09 -6.51 3.45
C ARG E 72 44.44 -5.32 2.76
N ASP E 73 44.79 -4.09 3.19
CA ASP E 73 44.18 -2.84 2.65
C ASP E 73 44.30 -2.81 1.13
N GLU E 74 45.45 -3.18 0.57
CA GLU E 74 45.80 -2.96 -0.86
C GLU E 74 44.93 -3.84 -1.79
N VAL E 75 44.33 -4.90 -1.27
CA VAL E 75 43.57 -5.89 -2.10
C VAL E 75 42.10 -5.45 -2.28
N ARG E 76 41.64 -4.42 -1.57
CA ARG E 76 40.28 -3.85 -1.68
C ARG E 76 40.38 -2.32 -1.80
N PRO E 77 40.89 -1.81 -2.94
CA PRO E 77 41.05 -0.36 -3.11
C PRO E 77 39.68 0.35 -3.15
N ILE E 78 39.55 1.45 -2.41
CA ILE E 78 38.29 2.25 -2.30
C ILE E 78 38.28 3.34 -3.36
N ASP E 79 37.36 3.29 -4.32
CA ASP E 79 37.16 4.40 -5.30
C ASP E 79 36.94 5.69 -4.52
N THR E 80 37.76 6.73 -4.68
CA THR E 80 37.64 7.99 -3.90
C THR E 80 36.84 9.03 -4.70
N ASP E 81 36.32 8.69 -5.88
CA ASP E 81 35.37 9.53 -6.66
C ASP E 81 34.16 9.83 -5.77
N PRO E 82 33.90 11.11 -5.41
CA PRO E 82 32.85 11.44 -4.45
C PRO E 82 31.45 11.31 -5.02
N ASN E 83 31.32 11.09 -6.33
CA ASN E 83 30.03 10.82 -7.02
C ASN E 83 29.71 9.34 -6.97
N VAL E 84 30.63 8.52 -6.45
CA VAL E 84 30.50 7.05 -6.50
C VAL E 84 30.18 6.56 -5.09
N LEU E 85 29.11 5.77 -4.99
CA LEU E 85 28.84 4.90 -3.82
C LEU E 85 29.48 3.56 -4.15
N VAL E 86 30.23 3.00 -3.20
CA VAL E 86 31.01 1.77 -3.42
C VAL E 86 30.30 0.60 -2.73
N MET E 87 30.63 -0.61 -3.14
CA MET E 87 30.03 -1.86 -2.59
C MET E 87 30.49 -2.01 -1.14
N PRO E 88 29.57 -2.32 -0.21
CA PRO E 88 29.92 -2.41 1.21
C PRO E 88 30.38 -3.80 1.70
N ALA E 89 30.27 -4.83 0.86
CA ALA E 89 30.48 -6.24 1.27
C ALA E 89 30.94 -7.09 0.08
N ASP E 90 31.87 -8.01 0.36
CA ASP E 90 32.32 -9.07 -0.57
C ASP E 90 31.21 -10.10 -0.64
N GLY E 91 30.92 -10.60 -1.84
CA GLY E 91 29.91 -11.65 -2.09
C GLY E 91 29.43 -11.59 -3.51
N VAL E 92 28.15 -11.91 -3.74
CA VAL E 92 27.45 -11.70 -5.03
C VAL E 92 26.16 -10.92 -4.78
N ILE E 93 25.79 -10.08 -5.76
CA ILE E 93 24.46 -9.40 -5.80
C ILE E 93 23.39 -10.51 -5.90
N SER E 94 22.38 -10.47 -5.04
CA SER E 94 21.19 -11.33 -5.04
C SER E 94 20.17 -10.73 -6.01
N GLN E 95 19.75 -9.50 -5.71
CA GLN E 95 18.85 -8.69 -6.56
C GLN E 95 19.22 -7.22 -6.34
N LEU E 96 18.85 -6.35 -7.27
CA LEU E 96 18.98 -4.89 -7.09
C LEU E 96 18.06 -4.20 -8.09
N GLY E 97 17.79 -2.92 -7.86
CA GLY E 97 17.01 -2.09 -8.79
C GLY E 97 16.05 -1.16 -8.08
N LYS E 98 14.97 -0.83 -8.77
CA LYS E 98 13.96 0.16 -8.32
C LYS E 98 13.13 -0.51 -7.23
N ILE E 99 12.83 0.22 -6.16
CA ILE E 99 11.75 -0.16 -5.20
C ILE E 99 10.43 0.26 -5.84
N GLU E 100 9.63 -0.71 -6.29
CA GLU E 100 8.35 -0.46 -7.01
C GLU E 100 7.30 -0.03 -5.99
N GLU E 101 7.20 1.27 -5.74
CA GLU E 101 6.42 1.84 -4.60
C GLU E 101 6.97 1.29 -3.29
N ASP E 102 6.32 0.26 -2.72
CA ASP E 102 6.67 -0.39 -1.43
C ASP E 102 7.39 -1.72 -1.71
N LYS E 103 7.31 -2.25 -2.93
CA LYS E 103 7.65 -3.66 -3.26
C LYS E 103 9.16 -3.75 -3.58
N ILE E 104 9.87 -4.67 -2.92
CA ILE E 104 11.30 -5.06 -3.17
C ILE E 104 11.30 -6.51 -3.69
N LEU E 105 12.11 -6.79 -4.70
CA LEU E 105 12.20 -8.14 -5.31
C LEU E 105 13.13 -9.01 -4.45
N GLN E 106 12.66 -10.20 -4.09
CA GLN E 106 13.44 -11.25 -3.37
C GLN E 106 14.00 -12.23 -4.40
N ALA E 107 13.14 -12.67 -5.31
CA ALA E 107 13.41 -13.66 -6.37
C ALA E 107 12.20 -13.70 -7.32
N LYS E 108 12.25 -14.50 -8.40
CA LYS E 108 11.11 -14.68 -9.34
C LYS E 108 9.85 -14.99 -8.53
N GLY E 109 8.88 -14.07 -8.55
CA GLY E 109 7.53 -14.25 -7.97
C GLY E 109 7.54 -14.27 -6.44
N HIS E 110 8.49 -13.58 -5.82
CA HIS E 110 8.47 -13.27 -4.37
C HIS E 110 8.88 -11.82 -4.19
N ASN E 111 7.91 -10.99 -3.81
CA ASN E 111 8.11 -9.56 -3.46
C ASN E 111 8.11 -9.49 -1.93
N TYR E 112 8.69 -8.44 -1.36
CA TYR E 112 8.52 -8.15 0.07
C TYR E 112 8.38 -6.64 0.27
N SER E 113 7.67 -6.32 1.34
CA SER E 113 7.28 -4.93 1.68
C SER E 113 8.49 -4.19 2.25
N LEU E 114 8.65 -2.94 1.87
CA LEU E 114 9.63 -1.99 2.45
C LEU E 114 9.32 -1.82 3.93
N GLU E 115 8.04 -1.68 4.27
CA GLU E 115 7.56 -1.54 5.67
C GLU E 115 7.81 -2.82 6.48
N ALA E 116 7.65 -3.99 5.87
CA ALA E 116 7.95 -5.28 6.54
C ALA E 116 9.44 -5.32 6.91
N LEU E 117 10.31 -5.00 5.93
CA LEU E 117 11.79 -5.02 6.12
C LEU E 117 12.15 -4.11 7.28
N LEU E 118 11.49 -2.95 7.39
CA LEU E 118 11.83 -1.94 8.43
C LEU E 118 10.94 -2.13 9.66
N ALA E 119 10.40 -3.33 9.87
CA ALA E 119 9.75 -3.73 11.14
C ALA E 119 8.62 -2.74 11.46
N GLY E 120 7.84 -2.40 10.45
CA GLY E 120 6.62 -1.58 10.57
C GLY E 120 6.91 -0.11 10.73
N ASN E 121 8.14 0.29 10.47
CA ASN E 121 8.60 1.70 10.57
C ASN E 121 8.16 2.50 9.33
N TYR E 122 6.90 2.95 9.30
CA TYR E 122 6.29 3.62 8.11
C TYR E 122 7.04 4.94 7.82
N LEU E 123 7.55 5.67 8.82
CA LEU E 123 8.33 6.92 8.58
C LEU E 123 9.61 6.59 7.81
N MET E 124 10.35 5.56 8.22
CA MET E 124 11.62 5.19 7.54
C MET E 124 11.26 4.69 6.14
N ALA E 125 10.26 3.84 6.03
CA ALA E 125 9.82 3.30 4.73
C ALA E 125 9.56 4.46 3.76
N ASP E 126 9.01 5.57 4.25
CA ASP E 126 8.59 6.71 3.38
C ASP E 126 9.81 7.35 2.73
N LEU E 127 10.97 7.32 3.41
CA LEU E 127 12.24 7.89 2.89
C LEU E 127 12.66 7.17 1.60
N PHE E 128 12.27 5.90 1.44
CA PHE E 128 12.83 4.96 0.44
C PHE E 128 11.79 4.51 -0.59
N ARG E 129 10.53 4.94 -0.48
CA ARG E 129 9.47 4.56 -1.45
C ARG E 129 9.91 5.04 -2.84
N ASN E 130 9.86 4.16 -3.84
CA ASN E 130 10.27 4.41 -5.26
C ASN E 130 11.77 4.66 -5.35
N GLY E 131 12.54 4.28 -4.32
CA GLY E 131 13.99 4.42 -4.33
C GLY E 131 14.66 3.23 -4.97
N THR E 132 15.87 2.94 -4.55
CA THR E 132 16.78 1.89 -5.07
C THR E 132 17.11 0.95 -3.91
N PHE E 133 17.24 -0.35 -4.20
CA PHE E 133 17.78 -1.34 -3.24
C PHE E 133 18.89 -2.16 -3.88
N VAL E 134 19.78 -2.66 -3.03
CA VAL E 134 20.84 -3.63 -3.40
C VAL E 134 20.86 -4.65 -2.27
N THR E 135 20.71 -5.91 -2.60
CA THR E 135 20.78 -7.07 -1.68
C THR E 135 22.03 -7.85 -2.06
N THR E 136 23.03 -7.86 -1.17
CA THR E 136 24.33 -8.56 -1.33
C THR E 136 24.32 -9.80 -0.43
N TYR E 137 24.59 -10.98 -0.99
CA TYR E 137 24.73 -12.26 -0.25
C TYR E 137 26.21 -12.50 0.03
N LEU E 138 26.56 -12.72 1.30
CA LEU E 138 27.92 -13.11 1.76
C LEU E 138 27.98 -14.64 1.91
N SER E 139 28.68 -15.32 0.98
CA SER E 139 28.93 -16.79 1.03
C SER E 139 29.97 -17.07 2.11
N PRO E 140 30.03 -18.29 2.69
CA PRO E 140 30.98 -18.61 3.75
C PRO E 140 32.45 -18.32 3.42
N ARG E 141 32.83 -18.41 2.15
CA ARG E 141 34.25 -18.21 1.75
C ARG E 141 34.62 -16.73 1.90
N ASP E 142 33.64 -15.83 1.75
CA ASP E 142 33.85 -14.36 1.66
C ASP E 142 34.25 -13.77 3.02
N TYR E 143 34.89 -12.60 2.97
CA TYR E 143 35.12 -11.66 4.10
C TYR E 143 33.76 -11.29 4.70
N HIS E 144 33.65 -11.29 6.03
CA HIS E 144 32.35 -11.16 6.74
C HIS E 144 32.25 -9.86 7.54
N ARG E 145 33.11 -8.88 7.23
CA ARG E 145 32.94 -7.50 7.74
C ARG E 145 32.25 -6.69 6.63
N VAL E 146 31.52 -5.67 7.05
CA VAL E 146 30.70 -4.81 6.16
C VAL E 146 31.24 -3.37 6.29
N HIS E 147 31.43 -2.71 5.16
CA HIS E 147 32.07 -1.37 5.06
C HIS E 147 31.05 -0.35 4.54
N MET E 148 31.30 0.93 4.81
CA MET E 148 30.39 2.03 4.40
C MET E 148 30.47 2.19 2.89
N PRO E 149 29.32 2.36 2.20
CA PRO E 149 29.31 2.65 0.76
C PRO E 149 29.77 4.08 0.41
N CYS E 150 29.72 4.97 1.41
CA CYS E 150 30.01 6.42 1.27
C CYS E 150 30.12 7.04 2.66
N ASN E 151 30.59 8.28 2.76
CA ASN E 151 30.57 9.05 4.04
C ASN E 151 29.13 9.10 4.55
N GLY E 152 28.95 8.97 5.86
CA GLY E 152 27.60 9.09 6.46
C GLY E 152 27.65 9.43 7.94
N ILE E 153 26.64 10.14 8.39
CA ILE E 153 26.34 10.37 9.84
C ILE E 153 25.30 9.32 10.22
N LEU E 154 25.62 8.50 11.23
CA LEU E 154 24.67 7.54 11.83
C LEU E 154 23.58 8.33 12.55
N ARG E 155 22.32 8.10 12.19
CA ARG E 155 21.14 8.76 12.80
C ARG E 155 20.33 7.76 13.64
N GLU E 156 20.21 6.52 13.19
CA GLU E 156 19.21 5.57 13.75
C GLU E 156 19.77 4.16 13.57
N MET E 157 19.68 3.32 14.60
CA MET E 157 19.90 1.85 14.51
C MET E 157 18.73 1.13 15.19
N ILE E 158 18.17 0.11 14.53
CA ILE E 158 17.03 -0.69 15.03
C ILE E 158 17.41 -2.17 14.99
N TYR E 159 17.42 -2.85 16.13
CA TYR E 159 17.52 -4.32 16.22
C TYR E 159 16.11 -4.91 16.14
N VAL E 160 15.95 -5.90 15.26
CA VAL E 160 14.64 -6.56 14.95
C VAL E 160 14.76 -8.04 15.28
N PRO E 161 14.01 -8.55 16.29
CA PRO E 161 13.96 -9.98 16.58
C PRO E 161 13.42 -10.72 15.36
N GLY E 162 13.84 -11.97 15.14
CA GLY E 162 13.40 -12.71 13.94
C GLY E 162 13.76 -14.17 13.94
N ASP E 163 13.44 -14.84 12.83
CA ASP E 163 13.77 -16.25 12.57
C ASP E 163 15.26 -16.31 12.18
N LEU E 164 15.84 -17.49 12.03
CA LEU E 164 17.23 -17.69 11.59
C LEU E 164 17.19 -18.67 10.41
N PHE E 165 16.29 -18.42 9.46
CA PHE E 165 16.26 -19.13 8.16
C PHE E 165 17.66 -19.04 7.54
N SER E 166 18.05 -20.03 6.75
CA SER E 166 19.25 -20.00 5.89
C SER E 166 18.98 -19.00 4.78
N VAL E 167 19.99 -18.21 4.42
CA VAL E 167 19.93 -17.34 3.22
C VAL E 167 20.79 -17.99 2.13
N ASN E 168 20.18 -18.17 0.95
CA ASN E 168 20.84 -18.72 -0.26
C ASN E 168 19.82 -18.68 -1.39
N HIS E 169 20.25 -18.92 -2.62
CA HIS E 169 19.39 -19.00 -3.83
C HIS E 169 18.15 -19.87 -3.52
N LEU E 170 18.32 -21.02 -2.86
CA LEU E 170 17.21 -22.00 -2.61
C LEU E 170 16.15 -21.35 -1.71
N THR E 171 16.53 -20.88 -0.50
CA THR E 171 15.59 -20.27 0.48
C THR E 171 15.03 -18.93 -0.05
N ALA E 172 15.87 -18.14 -0.73
CA ALA E 172 15.47 -16.84 -1.32
C ALA E 172 14.36 -17.06 -2.34
N GLN E 173 14.34 -18.23 -2.99
CA GLN E 173 13.41 -18.55 -4.10
C GLN E 173 12.12 -19.15 -3.53
N ASN E 174 12.08 -19.51 -2.24
CA ASN E 174 11.04 -20.41 -1.67
C ASN E 174 10.50 -19.97 -0.30
N VAL E 175 11.24 -19.22 0.51
CA VAL E 175 10.74 -18.70 1.82
C VAL E 175 10.18 -17.29 1.60
N PRO E 176 8.87 -17.07 1.79
CA PRO E 176 8.29 -15.72 1.72
C PRO E 176 8.82 -14.79 2.82
N ASN E 177 9.07 -13.53 2.47
CA ASN E 177 9.51 -12.45 3.41
C ASN E 177 10.78 -12.84 4.15
N LEU E 178 11.70 -13.58 3.51
CA LEU E 178 12.91 -14.14 4.16
C LEU E 178 13.68 -13.05 4.93
N PHE E 179 14.01 -11.95 4.27
CA PHE E 179 14.83 -10.86 4.86
C PHE E 179 14.00 -10.01 5.82
N ALA E 180 12.68 -9.98 5.66
CA ALA E 180 11.76 -9.21 6.53
C ALA E 180 11.45 -9.98 7.81
N ARG E 181 11.71 -11.29 7.89
CA ARG E 181 11.36 -12.10 9.09
C ARG E 181 12.60 -12.64 9.82
N ASN E 182 13.77 -12.63 9.20
CA ASN E 182 15.06 -13.02 9.84
C ASN E 182 15.58 -11.88 10.71
N GLU E 183 16.04 -12.20 11.92
CA GLU E 183 16.76 -11.32 12.89
C GLU E 183 17.71 -10.40 12.11
N ARG E 184 17.71 -9.09 12.41
CA ARG E 184 18.54 -8.13 11.61
C ARG E 184 18.73 -6.82 12.37
N VAL E 185 19.72 -6.05 11.92
CA VAL E 185 20.08 -4.68 12.41
C VAL E 185 19.97 -3.70 11.24
N ILE E 186 19.06 -2.73 11.34
CA ILE E 186 18.84 -1.63 10.36
C ILE E 186 19.67 -0.43 10.81
N CYS E 187 20.50 0.12 9.94
CA CYS E 187 21.31 1.34 10.19
C CYS E 187 20.92 2.42 9.17
N LEU E 188 20.51 3.59 9.65
CA LEU E 188 20.10 4.74 8.80
C LEU E 188 21.12 5.87 8.97
N PHE E 189 21.71 6.31 7.87
CA PHE E 189 22.70 7.43 7.82
C PHE E 189 22.14 8.60 7.01
N ASP E 190 22.51 9.82 7.38
CA ASP E 190 22.46 10.99 6.46
C ASP E 190 23.73 10.95 5.60
N THR E 191 23.59 11.11 4.30
CA THR E 191 24.72 11.17 3.33
C THR E 191 24.51 12.35 2.37
N GLU E 192 25.50 12.66 1.55
CA GLU E 192 25.38 13.63 0.45
C GLU E 192 24.43 13.07 -0.62
N PHE E 193 23.92 11.84 -0.47
CA PHE E 193 22.94 11.22 -1.42
C PHE E 193 21.58 11.04 -0.77
N GLY E 194 21.36 11.76 0.34
CA GLY E 194 20.10 11.73 1.10
C GLY E 194 20.17 10.66 2.17
N PRO E 195 19.01 10.18 2.66
CA PRO E 195 18.99 9.09 3.63
C PRO E 195 19.47 7.81 2.92
N MET E 196 20.23 7.00 3.67
CA MET E 196 20.80 5.72 3.18
C MET E 196 20.69 4.68 4.29
N ALA E 197 20.07 3.55 3.97
CA ALA E 197 19.88 2.42 4.91
C ALA E 197 20.90 1.34 4.53
N GLN E 198 21.57 0.78 5.54
CA GLN E 198 22.43 -0.41 5.38
C GLN E 198 21.94 -1.39 6.45
N ILE E 199 21.41 -2.54 6.01
CA ILE E 199 20.71 -3.54 6.88
C ILE E 199 21.52 -4.83 6.90
N LEU E 200 21.93 -5.27 8.09
CA LEU E 200 22.67 -6.54 8.29
C LEU E 200 21.65 -7.61 8.70
N VAL E 201 21.40 -8.58 7.83
CA VAL E 201 20.43 -9.68 8.06
C VAL E 201 21.19 -10.94 8.40
N GLY E 202 20.92 -11.48 9.59
CA GLY E 202 21.51 -12.73 10.09
C GLY E 202 20.87 -13.94 9.42
N ALA E 203 21.50 -15.10 9.63
CA ALA E 203 21.01 -16.41 9.15
C ALA E 203 21.37 -17.48 10.18
N THR E 204 20.91 -18.71 9.95
CA THR E 204 21.26 -19.87 10.79
C THR E 204 22.78 -19.95 10.86
N ILE E 205 23.31 -20.24 12.04
CA ILE E 205 24.78 -20.42 12.31
C ILE E 205 25.44 -19.04 12.36
N VAL E 206 25.52 -18.35 11.22
CA VAL E 206 26.08 -16.97 11.12
C VAL E 206 24.98 -15.99 11.56
N GLY E 207 24.75 -15.89 12.87
CA GLY E 207 23.60 -15.19 13.46
C GLY E 207 24.03 -14.07 14.39
N SER E 208 25.33 -13.86 14.60
CA SER E 208 25.84 -12.77 15.46
C SER E 208 26.14 -11.55 14.56
N ILE E 209 25.62 -10.39 14.94
CA ILE E 209 25.79 -9.10 14.21
C ILE E 209 26.48 -8.12 15.18
N GLU E 210 27.50 -7.42 14.69
CA GLU E 210 28.19 -6.33 15.43
C GLU E 210 28.12 -5.06 14.60
N THR E 211 28.24 -3.91 15.27
CA THR E 211 28.62 -2.62 14.64
C THR E 211 29.83 -2.07 15.40
N VAL E 212 30.65 -1.26 14.74
CA VAL E 212 31.90 -0.68 15.29
C VAL E 212 31.59 0.30 16.43
N TRP E 213 30.40 0.88 16.46
CA TRP E 213 29.99 1.90 17.46
C TRP E 213 29.29 1.28 18.67
N ALA E 214 28.86 0.02 18.61
CA ALA E 214 28.05 -0.60 19.67
C ALA E 214 28.59 -1.97 20.11
N GLY E 215 29.49 -2.58 19.36
CA GLY E 215 29.95 -3.96 19.61
C GLY E 215 28.90 -4.95 19.14
N THR E 216 28.81 -6.11 19.81
CA THR E 216 27.87 -7.19 19.44
C THR E 216 26.46 -6.74 19.81
N ILE E 217 25.56 -6.69 18.82
CA ILE E 217 24.12 -6.38 19.00
C ILE E 217 23.44 -7.66 19.49
N THR E 218 23.78 -8.79 18.86
CA THR E 218 23.15 -10.11 19.10
C THR E 218 24.23 -11.19 18.90
N PRO E 219 24.33 -12.19 19.79
CA PRO E 219 23.49 -12.30 20.99
C PRO E 219 23.89 -11.30 22.08
N PRO E 220 23.14 -11.16 23.19
CA PRO E 220 21.97 -11.99 23.48
C PRO E 220 20.72 -11.62 22.67
N ARG E 221 19.71 -12.49 22.70
CA ARG E 221 18.42 -12.35 21.95
C ARG E 221 17.30 -12.12 22.96
N GLU E 222 16.95 -10.86 23.24
CA GLU E 222 16.00 -10.45 24.31
C GLU E 222 14.56 -10.55 23.79
N GLY E 223 14.37 -10.69 22.46
CA GLY E 223 13.07 -10.92 21.82
C GLY E 223 12.25 -9.66 21.61
N ILE E 224 12.81 -8.48 21.87
CA ILE E 224 12.14 -7.16 21.70
C ILE E 224 12.90 -6.34 20.64
N ILE E 225 12.20 -5.46 19.93
CA ILE E 225 12.78 -4.39 19.08
C ILE E 225 13.47 -3.37 20.00
N LYS E 226 14.74 -3.04 19.70
CA LYS E 226 15.51 -1.96 20.37
C LYS E 226 15.86 -0.91 19.32
N ARG E 227 15.69 0.37 19.65
CA ARG E 227 15.97 1.53 18.77
C ARG E 227 16.96 2.45 19.49
N TRP E 228 18.08 2.77 18.81
CA TRP E 228 19.03 3.84 19.20
C TRP E 228 18.99 4.95 18.16
N THR E 229 19.15 6.20 18.62
CA THR E 229 19.25 7.40 17.75
C THR E 229 20.54 8.16 18.08
N TRP E 230 21.04 8.90 17.10
CA TRP E 230 22.20 9.82 17.22
C TRP E 230 21.83 11.15 16.56
N PRO E 231 22.42 12.28 16.99
CA PRO E 231 22.08 13.58 16.41
C PRO E 231 22.69 13.77 15.02
N ALA E 232 22.24 14.82 14.32
CA ALA E 232 22.79 15.30 13.03
C ALA E 232 24.28 15.62 13.18
N GLY E 233 25.03 15.67 12.07
CA GLY E 233 26.50 15.73 12.08
C GLY E 233 27.03 16.93 12.87
N GLU E 234 26.38 18.08 12.68
CA GLU E 234 26.70 19.38 13.35
C GLU E 234 26.86 19.17 14.86
N ASN E 235 25.85 18.57 15.51
CA ASN E 235 25.69 18.53 16.99
C ASN E 235 26.80 17.70 17.65
N ASP E 236 27.00 17.89 18.95
CA ASP E 236 28.02 17.19 19.79
C ASP E 236 27.47 15.80 20.08
N GLY E 237 28.34 14.77 20.07
CA GLY E 237 27.97 13.36 20.31
C GLY E 237 27.55 12.63 19.03
N SER E 238 27.67 13.29 17.86
CA SER E 238 27.36 12.70 16.54
C SER E 238 28.43 11.67 16.18
N VAL E 239 28.06 10.63 15.42
CA VAL E 239 28.98 9.52 14.99
C VAL E 239 29.04 9.53 13.45
N ALA E 240 30.21 9.85 12.90
CA ALA E 240 30.50 9.88 11.44
C ALA E 240 31.35 8.67 11.05
N LEU E 241 31.15 8.16 9.85
CA LEU E 241 32.06 7.16 9.23
C LEU E 241 32.36 7.61 7.79
N LEU E 242 33.49 7.16 7.26
CA LEU E 242 34.00 7.53 5.92
C LEU E 242 33.74 6.40 4.93
N LYS E 243 33.61 6.74 3.64
CA LYS E 243 33.56 5.75 2.53
C LYS E 243 34.62 4.70 2.81
N GLY E 244 34.26 3.41 2.72
CA GLY E 244 35.21 2.28 2.82
C GLY E 244 35.48 1.84 4.26
N GLN E 245 35.10 2.61 5.26
CA GLN E 245 35.40 2.29 6.68
C GLN E 245 34.54 1.12 7.15
N GLU E 246 35.11 0.20 7.92
CA GLU E 246 34.33 -0.89 8.58
C GLU E 246 33.23 -0.29 9.46
N MET E 247 31.98 -0.75 9.31
CA MET E 247 30.82 -0.35 10.13
C MET E 247 30.28 -1.53 10.95
N GLY E 248 30.52 -2.78 10.54
CA GLY E 248 29.98 -3.95 11.24
C GLY E 248 30.51 -5.25 10.68
N ARG E 249 30.05 -6.38 11.23
CA ARG E 249 30.44 -7.74 10.78
C ARG E 249 29.40 -8.79 11.19
N PHE E 250 29.54 -9.99 10.62
CA PHE E 250 28.82 -11.24 11.01
C PHE E 250 29.82 -12.23 11.58
N LYS E 251 29.49 -12.88 12.71
CA LYS E 251 30.20 -14.09 13.18
C LYS E 251 29.18 -15.16 13.57
N LEU E 252 29.64 -16.34 13.97
CA LEU E 252 28.75 -17.48 14.36
C LEU E 252 28.28 -17.24 15.79
N GLY E 253 27.00 -17.59 16.08
CA GLY E 253 26.38 -17.54 17.41
C GLY E 253 25.18 -16.59 17.47
C PYR F 1 24.47 -12.72 4.64
O PYR F 1 24.82 -13.10 3.50
CA PYR F 1 24.89 -13.45 5.65
O3 PYR F 1 24.52 -13.20 6.81
CB PYR F 1 25.84 -14.60 5.44
N THR F 2 23.85 -11.58 4.61
CA THR F 2 23.21 -10.66 3.60
C THR F 2 23.29 -9.20 4.03
N VAL F 3 23.49 -8.31 3.05
CA VAL F 3 23.48 -6.84 3.30
C VAL F 3 22.52 -6.18 2.32
N ILE F 4 21.55 -5.44 2.83
CA ILE F 4 20.54 -4.71 2.00
C ILE F 4 20.75 -3.20 2.20
N ASN F 5 20.95 -2.50 1.08
CA ASN F 5 21.06 -1.02 1.04
C ASN F 5 19.75 -0.46 0.48
N LEU F 6 19.26 0.63 1.07
CA LEU F 6 18.12 1.42 0.53
C LEU F 6 18.63 2.84 0.30
N PHE F 7 18.38 3.40 -0.89
CA PHE F 7 18.73 4.81 -1.24
C PHE F 7 17.45 5.56 -1.66
N ALA F 8 17.44 6.88 -1.44
CA ALA F 8 16.28 7.76 -1.62
C ALA F 8 15.93 7.86 -3.11
N PRO F 9 14.67 8.14 -3.47
CA PRO F 9 14.26 8.21 -4.88
C PRO F 9 15.03 9.27 -5.67
N GLY F 10 15.41 8.90 -6.91
CA GLY F 10 16.16 9.72 -7.89
C GLY F 10 17.48 10.27 -7.37
N LYS F 11 18.17 9.59 -6.46
CA LYS F 11 19.43 10.12 -5.87
C LYS F 11 20.65 9.40 -6.45
N VAL F 12 20.52 8.15 -6.86
CA VAL F 12 21.65 7.33 -7.38
C VAL F 12 21.16 6.52 -8.59
N ASN F 13 22.06 6.25 -9.53
CA ASN F 13 21.87 5.20 -10.56
C ASN F 13 22.88 4.08 -10.30
N LEU F 14 22.36 2.86 -10.22
CA LEU F 14 23.17 1.64 -10.08
C LEU F 14 24.00 1.48 -11.35
N VAL F 15 25.28 1.13 -11.22
CA VAL F 15 26.14 0.77 -12.38
C VAL F 15 25.34 -0.20 -13.26
N GLU F 16 25.17 0.09 -14.56
CA GLU F 16 24.27 -0.65 -15.47
C GLU F 16 24.74 -2.11 -15.66
N GLN F 17 26.06 -2.37 -15.55
CA GLN F 17 26.66 -3.70 -15.80
C GLN F 17 26.20 -4.69 -14.71
N LEU F 18 25.96 -4.23 -13.48
CA LEU F 18 25.63 -5.10 -12.31
C LEU F 18 24.25 -5.75 -12.51
N GLU F 19 24.15 -7.05 -12.16
CA GLU F 19 22.91 -7.85 -12.26
C GLU F 19 22.92 -8.94 -11.19
N SER F 20 21.82 -9.67 -11.02
CA SER F 20 21.75 -10.86 -10.13
C SER F 20 22.95 -11.76 -10.43
N LEU F 21 23.73 -12.10 -9.40
CA LEU F 21 24.89 -13.05 -9.43
C LEU F 21 26.19 -12.31 -9.75
N SER F 22 26.15 -10.99 -10.00
CA SER F 22 27.38 -10.17 -10.18
C SER F 22 28.25 -10.28 -8.92
N VAL F 23 29.57 -10.39 -9.09
CA VAL F 23 30.56 -10.44 -7.98
C VAL F 23 30.66 -9.06 -7.33
N THR F 24 30.78 -8.99 -6.01
CA THR F 24 30.97 -7.73 -5.26
C THR F 24 32.32 -7.76 -4.52
N LYS F 25 33.10 -6.67 -4.62
CA LYS F 25 34.36 -6.44 -3.87
C LYS F 25 34.27 -5.06 -3.22
N ILE F 26 34.41 -4.97 -1.90
CA ILE F 26 34.41 -3.69 -1.15
C ILE F 26 35.26 -2.67 -1.91
N GLY F 27 34.68 -1.51 -2.22
CA GLY F 27 35.39 -0.38 -2.84
C GLY F 27 35.06 -0.21 -4.32
N GLN F 28 34.63 -1.28 -4.99
CA GLN F 28 34.23 -1.20 -6.40
C GLN F 28 33.01 -0.29 -6.48
N PRO F 29 32.80 0.45 -7.59
CA PRO F 29 31.54 1.13 -7.86
C PRO F 29 30.27 0.26 -7.78
N LEU F 30 29.29 0.73 -6.98
CA LEU F 30 27.93 0.15 -6.83
C LEU F 30 26.92 1.07 -7.52
N ALA F 31 27.04 2.38 -7.31
CA ALA F 31 26.17 3.40 -7.91
C ALA F 31 26.90 4.74 -8.05
N VAL F 32 26.37 5.61 -8.92
CA VAL F 32 26.90 6.98 -9.19
C VAL F 32 25.79 7.97 -8.84
N SER F 33 26.15 9.09 -8.24
CA SER F 33 25.20 10.17 -7.87
C SER F 33 24.52 10.70 -9.14
N THR F 34 23.22 11.02 -9.06
CA THR F 34 22.47 11.63 -10.19
C THR F 34 22.72 13.15 -10.22
N GLY F 35 23.38 13.71 -9.19
CA GLY F 35 23.72 15.13 -9.01
C GLY F 35 25.20 15.44 -9.18
N HIS F 36 25.70 16.45 -8.45
CA HIS F 36 27.09 17.00 -8.55
C HIS F 36 27.73 17.02 -7.15
N HIS F 37 29.04 17.27 -7.02
CA HIS F 37 29.73 17.39 -5.71
C HIS F 37 30.07 18.86 -5.44
N HIS F 38 29.83 19.33 -4.19
CA HIS F 38 30.07 20.71 -3.67
C HIS F 38 29.03 21.66 -4.30
N GLN G 10 9.40 -24.87 28.71
CA GLN G 10 8.98 -23.46 28.38
C GLN G 10 9.92 -22.88 27.31
N TYR G 11 11.20 -23.25 27.37
CA TYR G 11 12.21 -23.02 26.31
C TYR G 11 12.39 -24.33 25.52
N ILE G 12 12.02 -25.51 26.07
CA ILE G 12 12.38 -26.86 25.52
C ILE G 12 11.27 -27.36 24.59
N LEU G 13 9.98 -27.29 24.98
CA LEU G 13 8.82 -27.80 24.17
C LEU G 13 8.65 -26.93 22.92
N PRO G 14 8.35 -27.51 21.73
CA PRO G 14 8.17 -26.75 20.50
C PRO G 14 6.77 -26.12 20.46
N LYS G 15 6.66 -24.95 21.11
CA LYS G 15 5.38 -24.26 21.46
C LYS G 15 4.52 -24.04 20.20
N LEU G 16 5.13 -23.76 19.05
CA LEU G 16 4.37 -23.43 17.80
C LEU G 16 3.67 -24.67 17.25
N TRP G 17 4.35 -25.82 17.23
CA TRP G 17 3.78 -27.09 16.69
C TRP G 17 2.66 -27.60 17.64
N LEU G 18 2.87 -27.53 18.96
CA LEU G 18 1.83 -27.89 19.97
C LEU G 18 0.59 -27.02 19.74
N THR G 19 0.79 -25.74 19.41
CA THR G 19 -0.29 -24.74 19.23
C THR G 19 -1.08 -25.08 17.95
N ARG G 20 -0.36 -25.42 16.87
CA ARG G 20 -0.95 -25.86 15.58
C ARG G 20 -1.73 -27.16 15.79
N LEU G 21 -1.18 -28.10 16.56
CA LEU G 21 -1.84 -29.40 16.88
C LEU G 21 -3.20 -29.10 17.53
N ALA G 22 -3.19 -28.32 18.62
CA ALA G 22 -4.41 -27.90 19.37
C ALA G 22 -5.40 -27.19 18.42
N GLY G 23 -4.89 -26.35 17.51
CA GLY G 23 -5.71 -25.59 16.54
C GLY G 23 -6.42 -26.51 15.58
N TRP G 24 -5.68 -27.48 15.03
CA TRP G 24 -6.23 -28.57 14.18
C TRP G 24 -7.32 -29.28 14.97
N GLY G 25 -6.96 -29.87 16.10
CA GLY G 25 -7.90 -30.48 17.06
C GLY G 25 -9.13 -29.62 17.25
N ALA G 26 -8.96 -28.40 17.75
CA ALA G 26 -10.07 -27.54 18.26
C ALA G 26 -10.98 -27.10 17.11
N SER G 27 -10.54 -27.26 15.86
CA SER G 27 -11.31 -26.78 14.67
C SER G 27 -12.16 -27.91 14.07
N LYS G 28 -11.92 -29.18 14.43
CA LYS G 28 -12.59 -30.40 13.87
C LYS G 28 -13.95 -30.61 14.54
N ARG G 29 -14.97 -30.93 13.75
CA ARG G 29 -16.39 -31.18 14.19
C ARG G 29 -16.57 -32.70 14.40
N ALA G 30 -16.25 -33.21 15.59
CA ALA G 30 -16.13 -34.67 15.88
C ALA G 30 -17.18 -35.14 16.90
N GLY G 31 -18.41 -34.58 16.85
CA GLY G 31 -19.55 -34.98 17.69
C GLY G 31 -19.12 -35.41 19.09
N TRP G 32 -19.07 -36.71 19.34
CA TRP G 32 -18.88 -37.33 20.70
C TRP G 32 -17.48 -37.05 21.24
N LEU G 33 -16.42 -37.12 20.43
CA LEU G 33 -15.01 -36.84 20.87
C LEU G 33 -14.89 -35.35 21.25
N THR G 34 -15.57 -34.46 20.49
CA THR G 34 -15.65 -33.00 20.77
C THR G 34 -16.34 -32.78 22.11
N LYS G 35 -17.50 -33.40 22.36
CA LYS G 35 -18.27 -33.25 23.62
C LYS G 35 -17.46 -33.87 24.77
N LEU G 36 -16.65 -34.90 24.50
CA LEU G 36 -15.84 -35.59 25.54
C LEU G 36 -14.76 -34.62 26.05
N VAL G 37 -13.97 -34.06 25.13
CA VAL G 37 -12.89 -33.07 25.47
C VAL G 37 -13.53 -31.81 26.08
N ILE G 38 -14.65 -31.33 25.53
CA ILE G 38 -15.37 -30.15 26.11
C ILE G 38 -15.79 -30.50 27.54
N ASP G 39 -16.30 -31.72 27.76
CA ASP G 39 -16.84 -32.15 29.08
C ASP G 39 -15.66 -32.29 30.06
N LEU G 40 -14.58 -32.96 29.66
CA LEU G 40 -13.37 -33.08 30.54
C LEU G 40 -12.91 -31.66 30.91
N PHE G 41 -12.87 -30.75 29.94
CA PHE G 41 -12.44 -29.33 30.09
C PHE G 41 -13.33 -28.64 31.13
N VAL G 42 -14.66 -28.69 30.92
CA VAL G 42 -15.67 -28.02 31.80
C VAL G 42 -15.46 -28.50 33.23
N LYS G 43 -15.14 -29.79 33.42
CA LYS G 43 -14.98 -30.41 34.76
C LYS G 43 -13.68 -29.90 35.41
N TYR G 44 -12.54 -30.06 34.73
CA TYR G 44 -11.19 -29.75 35.26
C TYR G 44 -11.09 -28.26 35.66
N TYR G 45 -11.71 -27.36 34.88
CA TYR G 45 -11.51 -25.88 35.03
C TYR G 45 -12.68 -25.21 35.75
N LYS G 46 -13.81 -25.90 35.91
CA LYS G 46 -14.98 -25.42 36.70
C LYS G 46 -15.67 -24.29 35.93
N VAL G 47 -16.08 -24.56 34.69
CA VAL G 47 -16.74 -23.59 33.76
C VAL G 47 -18.21 -23.38 34.20
N ASP G 48 -18.60 -22.15 34.52
CA ASP G 48 -20.01 -21.81 34.86
C ASP G 48 -20.80 -21.73 33.55
N MET G 49 -21.30 -22.87 33.05
CA MET G 49 -22.13 -22.95 31.82
C MET G 49 -23.49 -22.27 32.02
N LYS G 50 -23.87 -21.93 33.26
CA LYS G 50 -25.14 -21.20 33.56
C LYS G 50 -25.06 -19.79 32.95
N GLU G 51 -23.86 -19.23 32.81
CA GLU G 51 -23.62 -17.86 32.25
C GLU G 51 -23.73 -17.89 30.71
N ALA G 52 -23.57 -19.06 30.09
CA ALA G 52 -23.52 -19.24 28.62
C ALA G 52 -24.91 -19.04 28.00
N GLN G 53 -24.95 -18.50 26.79
CA GLN G 53 -26.18 -18.38 25.95
C GLN G 53 -26.74 -19.77 25.62
N LYS G 54 -25.86 -20.77 25.44
CA LYS G 54 -26.24 -22.20 25.17
C LYS G 54 -25.57 -23.08 26.23
N PRO G 55 -26.24 -23.37 27.38
CA PRO G 55 -25.63 -24.14 28.48
C PRO G 55 -25.43 -25.65 28.19
N ASP G 56 -26.07 -26.17 27.14
CA ASP G 56 -25.96 -27.60 26.75
C ASP G 56 -24.59 -27.80 26.08
N THR G 57 -23.69 -28.57 26.70
CA THR G 57 -22.32 -28.82 26.17
C THR G 57 -22.41 -29.53 24.81
N ALA G 58 -23.57 -30.08 24.47
CA ALA G 58 -23.83 -30.79 23.19
C ALA G 58 -24.03 -29.77 22.05
N SER G 59 -24.32 -28.51 22.37
CA SER G 59 -24.73 -27.47 21.38
C SER G 59 -23.54 -27.02 20.52
N TYR G 60 -22.30 -27.39 20.90
CA TYR G 60 -21.05 -26.83 20.33
C TYR G 60 -20.45 -27.79 19.29
N ARG G 61 -20.44 -27.37 18.01
CA ARG G 61 -19.98 -28.19 16.85
C ARG G 61 -18.49 -28.57 17.01
N THR G 62 -17.63 -27.63 17.43
CA THR G 62 -16.15 -27.82 17.63
C THR G 62 -15.75 -27.34 19.03
N PHE G 63 -14.57 -27.73 19.52
CA PHE G 63 -14.06 -27.26 20.84
C PHE G 63 -14.00 -25.72 20.83
N ASN G 64 -13.48 -25.16 19.73
CA ASN G 64 -13.32 -23.69 19.52
C ASN G 64 -14.66 -22.98 19.69
N GLU G 65 -15.74 -23.47 19.06
CA GLU G 65 -17.11 -22.86 19.17
C GLU G 65 -17.42 -22.67 20.65
N PHE G 66 -17.06 -23.65 21.49
CA PHE G 66 -17.25 -23.65 22.97
C PHE G 66 -16.28 -22.66 23.62
N PHE G 67 -15.01 -22.65 23.20
CA PHE G 67 -13.95 -21.79 23.79
C PHE G 67 -14.40 -20.33 23.68
N VAL G 68 -14.87 -19.97 22.48
CA VAL G 68 -15.35 -18.60 22.11
C VAL G 68 -16.85 -18.48 22.40
N ARG G 69 -17.41 -19.28 23.31
CA ARG G 69 -18.87 -19.32 23.55
C ARG G 69 -19.36 -17.93 23.95
N PRO G 70 -20.51 -17.48 23.43
CA PRO G 70 -21.14 -16.23 23.88
C PRO G 70 -21.86 -16.37 25.23
N LEU G 71 -21.96 -15.27 25.98
CA LEU G 71 -22.63 -15.23 27.32
C LEU G 71 -24.06 -14.68 27.17
N ARG G 72 -24.92 -14.90 28.18
CA ARG G 72 -26.27 -14.29 28.26
C ARG G 72 -26.07 -12.80 28.58
N ASP G 73 -26.73 -11.91 27.83
CA ASP G 73 -26.47 -10.44 27.89
C ASP G 73 -26.61 -9.95 29.33
N GLU G 74 -27.65 -10.39 30.04
CA GLU G 74 -28.07 -9.83 31.37
C GLU G 74 -27.02 -10.12 32.45
N VAL G 75 -26.14 -11.12 32.26
CA VAL G 75 -25.16 -11.57 33.30
C VAL G 75 -23.89 -10.71 33.28
N ARG G 76 -23.73 -9.82 32.28
CA ARG G 76 -22.62 -8.83 32.21
C ARG G 76 -23.22 -7.45 31.97
N PRO G 77 -23.85 -6.84 32.99
CA PRO G 77 -24.39 -5.48 32.86
C PRO G 77 -23.24 -4.46 32.66
N ILE G 78 -23.39 -3.57 31.68
CA ILE G 78 -22.41 -2.50 31.32
C ILE G 78 -22.77 -1.25 32.10
N ASP G 79 -21.88 -0.76 32.98
CA ASP G 79 -22.03 0.55 33.68
C ASP G 79 -22.38 1.62 32.64
N THR G 80 -23.50 2.33 32.84
CA THR G 80 -24.11 3.28 31.87
C THR G 80 -23.47 4.68 31.99
N ASP G 81 -22.75 4.95 33.09
CA ASP G 81 -22.15 6.28 33.38
C ASP G 81 -21.13 6.56 32.28
N PRO G 82 -21.30 7.62 31.45
CA PRO G 82 -20.40 7.86 30.31
C PRO G 82 -19.01 8.33 30.72
N ASN G 83 -18.84 8.69 32.00
CA ASN G 83 -17.54 9.10 32.60
C ASN G 83 -16.80 7.86 33.12
N VAL G 84 -17.40 6.68 32.99
CA VAL G 84 -16.79 5.41 33.49
C VAL G 84 -16.32 4.59 32.30
N LEU G 85 -15.06 4.20 32.37
CA LEU G 85 -14.43 3.20 31.48
C LEU G 85 -14.61 1.86 32.20
N VAL G 86 -15.00 0.83 31.47
CA VAL G 86 -15.38 -0.49 32.05
C VAL G 86 -14.30 -1.52 31.71
N MET G 87 -14.26 -2.61 32.46
CA MET G 87 -13.32 -3.73 32.25
C MET G 87 -13.66 -4.39 30.91
N PRO G 88 -12.65 -4.69 30.06
CA PRO G 88 -12.91 -5.26 28.73
C PRO G 88 -12.95 -6.78 28.64
N ALA G 89 -12.59 -7.49 29.72
CA ALA G 89 -12.41 -8.96 29.68
C ALA G 89 -12.67 -9.60 31.05
N ASP G 90 -13.25 -10.81 31.02
CA ASP G 90 -13.42 -11.69 32.21
C ASP G 90 -12.05 -12.27 32.54
N GLY G 91 -11.69 -12.32 33.82
CA GLY G 91 -10.44 -12.90 34.34
C GLY G 91 -10.04 -12.19 35.63
N VAL G 92 -8.74 -12.11 35.90
CA VAL G 92 -8.18 -11.33 37.05
C VAL G 92 -7.14 -10.32 36.55
N ILE G 93 -7.04 -9.18 37.23
CA ILE G 93 -5.96 -8.17 37.04
C ILE G 93 -4.61 -8.87 37.32
N SER G 94 -3.65 -8.74 36.42
CA SER G 94 -2.25 -9.21 36.57
C SER G 94 -1.47 -8.12 37.31
N GLN G 95 -1.41 -6.94 36.69
CA GLN G 95 -0.86 -5.70 37.30
C GLN G 95 -1.61 -4.51 36.70
N LEU G 96 -1.58 -3.36 37.36
CA LEU G 96 -2.14 -2.11 36.81
C LEU G 96 -1.53 -0.94 37.57
N GLY G 97 -1.64 0.27 37.03
CA GLY G 97 -1.11 1.48 37.66
C GLY G 97 -0.53 2.48 36.68
N LYS G 98 0.31 3.36 37.21
CA LYS G 98 0.98 4.42 36.42
C LYS G 98 2.06 3.76 35.54
N ILE G 99 2.19 4.22 34.30
CA ILE G 99 3.39 3.94 33.45
C ILE G 99 4.47 4.91 33.91
N GLU G 100 5.51 4.40 34.57
CA GLU G 100 6.61 5.20 35.17
C GLU G 100 7.54 5.63 34.02
N GLU G 101 7.25 6.78 33.39
CA GLU G 101 7.89 7.25 32.14
C GLU G 101 7.57 6.21 31.06
N ASP G 102 8.50 5.30 30.78
CA ASP G 102 8.41 4.25 29.72
C ASP G 102 8.15 2.89 30.39
N LYS G 103 8.37 2.77 31.71
CA LYS G 103 8.45 1.47 32.43
C LYS G 103 7.04 1.00 32.84
N ILE G 104 6.69 -0.25 32.50
CA ILE G 104 5.42 -0.96 32.86
C ILE G 104 5.80 -2.15 33.74
N LEU G 105 5.05 -2.40 34.82
CA LEU G 105 5.30 -3.52 35.76
C LEU G 105 4.72 -4.81 35.16
N GLN G 106 5.52 -5.87 35.15
CA GLN G 106 5.13 -7.24 34.71
C GLN G 106 4.82 -8.03 35.97
N ALA G 107 5.70 -7.94 36.97
CA ALA G 107 5.74 -8.74 38.20
C ALA G 107 6.80 -8.14 39.15
N LYS G 108 6.92 -8.67 40.38
CA LYS G 108 7.97 -8.27 41.35
C LYS G 108 9.33 -8.33 40.63
N GLY G 109 9.98 -7.19 40.40
CA GLY G 109 11.35 -7.08 39.85
C GLY G 109 11.45 -7.50 38.39
N HIS G 110 10.38 -7.33 37.61
CA HIS G 110 10.38 -7.43 36.13
C HIS G 110 9.59 -6.25 35.57
N ASN G 111 10.29 -5.32 34.94
CA ASN G 111 9.72 -4.14 34.24
C ASN G 111 9.79 -4.45 32.76
N TYR G 112 8.98 -3.78 31.94
CA TYR G 112 9.13 -3.83 30.46
C TYR G 112 8.82 -2.47 29.86
N SER G 113 9.44 -2.22 28.73
CA SER G 113 9.38 -0.92 28.02
C SER G 113 8.02 -0.78 27.32
N LEU G 114 7.45 0.42 27.38
CA LEU G 114 6.27 0.82 26.59
C LEU G 114 6.58 0.68 25.10
N GLU G 115 7.77 1.10 24.68
CA GLU G 115 8.25 1.02 23.28
C GLU G 115 8.43 -0.44 22.85
N ALA G 116 8.92 -1.31 23.74
CA ALA G 116 9.06 -2.75 23.45
C ALA G 116 7.69 -3.34 23.15
N LEU G 117 6.71 -3.06 24.02
CA LEU G 117 5.33 -3.56 23.91
C LEU G 117 4.76 -3.14 22.56
N LEU G 118 5.03 -1.90 22.13
CA LEU G 118 4.45 -1.36 20.89
C LEU G 118 5.42 -1.58 19.71
N ALA G 119 6.29 -2.59 19.80
CA ALA G 119 7.07 -3.08 18.65
C ALA G 119 7.90 -1.93 18.05
N GLY G 120 8.48 -1.11 18.92
CA GLY G 120 9.43 -0.03 18.57
C GLY G 120 8.72 1.18 18.02
N ASN G 121 7.40 1.25 18.15
CA ASN G 121 6.55 2.36 17.65
C ASN G 121 6.65 3.56 18.62
N TYR G 122 7.70 4.38 18.47
CA TYR G 122 8.04 5.50 19.39
C TYR G 122 6.92 6.54 19.35
N LEU G 123 6.25 6.78 18.21
CA LEU G 123 5.13 7.76 18.13
C LEU G 123 3.97 7.28 19.03
N MET G 124 3.58 6.01 18.94
CA MET G 124 2.47 5.47 19.75
C MET G 124 2.89 5.50 21.22
N ALA G 125 4.11 5.06 21.52
CA ALA G 125 4.64 5.05 22.90
C ALA G 125 4.51 6.45 23.50
N ASP G 126 4.71 7.50 22.69
CA ASP G 126 4.77 8.91 23.19
C ASP G 126 3.38 9.31 23.72
N LEU G 127 2.31 8.77 23.13
CA LEU G 127 0.90 9.04 23.53
C LEU G 127 0.67 8.59 24.97
N PHE G 128 1.41 7.59 25.44
CA PHE G 128 1.11 6.84 26.69
C PHE G 128 2.19 6.99 27.74
N ARG G 129 3.26 7.76 27.48
CA ARG G 129 4.34 7.99 28.48
C ARG G 129 3.71 8.66 29.70
N ASN G 130 3.96 8.12 30.89
CA ASN G 130 3.41 8.60 32.20
C ASN G 130 1.89 8.44 32.25
N GLY G 131 1.33 7.57 31.40
CA GLY G 131 -0.10 7.23 31.41
C GLY G 131 -0.39 6.14 32.43
N THR G 132 -1.45 5.38 32.20
CA THR G 132 -1.89 4.25 33.06
C THR G 132 -1.98 3.01 32.18
N PHE G 133 -1.71 1.85 32.77
CA PHE G 133 -1.91 0.52 32.13
C PHE G 133 -2.75 -0.38 33.03
N VAL G 134 -3.42 -1.33 32.39
CA VAL G 134 -4.16 -2.44 33.04
C VAL G 134 -3.86 -3.66 32.19
N THR G 135 -3.30 -4.70 32.79
CA THR G 135 -3.07 -6.02 32.15
C THR G 135 -4.01 -6.99 32.85
N THR G 136 -4.96 -7.55 32.10
CA THR G 136 -5.97 -8.55 32.54
C THR G 136 -5.58 -9.93 32.00
N TYR G 137 -5.50 -10.94 32.86
CA TYR G 137 -5.21 -12.36 32.51
C TYR G 137 -6.54 -13.12 32.38
N LEU G 138 -6.76 -13.76 31.24
CA LEU G 138 -7.91 -14.66 30.96
C LEU G 138 -7.48 -16.11 31.24
N SER G 139 -7.98 -16.70 32.34
CA SER G 139 -7.79 -18.14 32.67
C SER G 139 -8.63 -18.98 31.71
N PRO G 140 -8.28 -20.27 31.47
CA PRO G 140 -9.02 -21.11 30.54
C PRO G 140 -10.53 -21.25 30.84
N ARG G 141 -10.92 -21.12 32.12
CA ARG G 141 -12.34 -21.24 32.54
C ARG G 141 -13.14 -20.05 32.02
N ASP G 142 -12.50 -18.88 31.87
CA ASP G 142 -13.17 -17.58 31.59
C ASP G 142 -13.68 -17.51 30.15
N TYR G 143 -14.64 -16.62 29.91
CA TYR G 143 -15.11 -16.13 28.58
C TYR G 143 -13.89 -15.52 27.86
N HIS G 144 -13.73 -15.84 26.57
CA HIS G 144 -12.50 -15.52 25.79
C HIS G 144 -12.77 -14.52 24.67
N ARG G 145 -13.88 -13.79 24.75
CA ARG G 145 -14.08 -12.60 23.91
C ARG G 145 -13.74 -11.37 24.74
N VAL G 146 -13.35 -10.30 24.05
CA VAL G 146 -12.84 -9.03 24.63
C VAL G 146 -13.76 -7.92 24.15
N HIS G 147 -14.16 -7.04 25.07
CA HIS G 147 -15.16 -5.97 24.83
C HIS G 147 -14.50 -4.60 25.01
N MET G 148 -15.09 -3.56 24.41
CA MET G 148 -14.56 -2.19 24.48
C MET G 148 -14.73 -1.65 25.89
N PRO G 149 -13.70 -0.99 26.46
CA PRO G 149 -13.81 -0.32 27.75
C PRO G 149 -14.66 0.96 27.70
N CYS G 150 -14.84 1.53 26.51
CA CYS G 150 -15.55 2.81 26.26
C CYS G 150 -15.81 2.97 24.76
N ASN G 151 -16.63 3.95 24.37
CA ASN G 151 -16.82 4.31 22.94
C ASN G 151 -15.45 4.64 22.35
N GLY G 152 -15.19 4.23 21.10
CA GLY G 152 -13.94 4.58 20.41
C GLY G 152 -14.03 4.46 18.90
N ILE G 153 -13.26 5.30 18.20
CA ILE G 153 -12.98 5.19 16.74
C ILE G 153 -11.67 4.42 16.60
N LEU G 154 -11.69 3.27 15.91
CA LEU G 154 -10.47 2.50 15.54
C LEU G 154 -9.66 3.35 14.56
N ARG G 155 -8.40 3.62 14.90
CA ARG G 155 -7.46 4.42 14.06
C ARG G 155 -6.36 3.52 13.48
N GLU G 156 -5.89 2.54 14.24
CA GLU G 156 -4.62 1.82 13.95
C GLU G 156 -4.72 0.42 14.53
N MET G 157 -4.34 -0.59 13.76
CA MET G 157 -4.10 -1.97 14.25
C MET G 157 -2.74 -2.45 13.74
N ILE G 158 -1.92 -3.03 14.62
CA ILE G 158 -0.58 -3.57 14.28
C ILE G 158 -0.52 -5.02 14.77
N TYR G 159 -0.27 -5.96 13.85
CA TYR G 159 0.07 -7.36 14.19
C TYR G 159 1.58 -7.47 14.41
N VAL G 160 1.99 -8.09 15.52
CA VAL G 160 3.41 -8.20 15.95
C VAL G 160 3.77 -9.68 16.05
N PRO G 161 4.69 -10.19 15.20
CA PRO G 161 5.18 -11.56 15.31
C PRO G 161 5.85 -11.77 16.66
N GLY G 162 5.84 -12.98 17.20
CA GLY G 162 6.44 -13.21 18.52
C GLY G 162 6.53 -14.67 18.94
N ASP G 163 6.97 -14.89 20.17
CA ASP G 163 7.08 -16.22 20.81
C ASP G 163 5.65 -16.60 21.24
N LEU G 164 5.46 -17.84 21.70
CA LEU G 164 4.16 -18.32 22.25
C LEU G 164 4.43 -18.89 23.65
N PHE G 165 5.17 -18.13 24.45
CA PHE G 165 5.34 -18.41 25.90
C PHE G 165 3.94 -18.57 26.50
N SER G 166 3.81 -19.36 27.57
CA SER G 166 2.60 -19.40 28.41
C SER G 166 2.53 -18.09 29.18
N VAL G 167 1.34 -17.53 29.35
CA VAL G 167 1.11 -16.40 30.30
C VAL G 167 0.42 -16.98 31.54
N ASN G 168 0.97 -16.71 32.71
CA ASN G 168 0.46 -17.11 34.04
C ASN G 168 1.39 -16.50 35.09
N HIS G 169 0.98 -16.53 36.35
CA HIS G 169 1.78 -16.04 37.50
C HIS G 169 3.22 -16.57 37.38
N LEU G 170 3.41 -17.86 37.06
CA LEU G 170 4.76 -18.51 37.03
C LEU G 170 5.63 -17.84 35.96
N THR G 171 5.19 -17.83 34.68
CA THR G 171 5.99 -17.26 33.55
C THR G 171 6.09 -15.73 33.69
N ALA G 172 5.05 -15.06 34.16
CA ALA G 172 5.03 -13.60 34.36
C ALA G 172 6.12 -13.21 35.35
N GLN G 173 6.43 -14.11 36.29
CA GLN G 173 7.37 -13.83 37.40
C GLN G 173 8.81 -14.18 36.99
N ASN G 174 9.00 -14.82 35.82
CA ASN G 174 10.27 -15.52 35.49
C ASN G 174 10.73 -15.28 34.03
N VAL G 175 9.83 -15.00 33.08
CA VAL G 175 10.22 -14.73 31.66
C VAL G 175 10.32 -13.22 31.48
N PRO G 176 11.52 -12.69 31.19
CA PRO G 176 11.66 -11.25 30.92
C PRO G 176 10.94 -10.83 29.63
N ASN G 177 10.31 -9.64 29.65
CA ASN G 177 9.63 -9.00 28.48
C ASN G 177 8.57 -9.93 27.88
N LEU G 178 7.88 -10.71 28.71
CA LEU G 178 6.92 -11.76 28.28
C LEU G 178 5.90 -11.18 27.29
N PHE G 179 5.22 -10.10 27.65
CA PHE G 179 4.14 -9.49 26.84
C PHE G 179 4.73 -8.72 25.65
N ALA G 180 5.99 -8.28 25.74
CA ALA G 180 6.66 -7.53 24.65
C ALA G 180 7.22 -8.49 23.60
N ARG G 181 7.37 -9.78 23.89
CA ARG G 181 7.99 -10.73 22.93
C ARG G 181 7.00 -11.79 22.44
N ASN G 182 5.85 -11.96 23.09
CA ASN G 182 4.77 -12.87 22.62
C ASN G 182 3.97 -12.21 21.49
N GLU G 183 3.68 -12.98 20.44
CA GLU G 183 2.76 -12.62 19.32
C GLU G 183 1.56 -11.86 19.86
N ARG G 184 1.17 -10.75 19.24
CA ARG G 184 0.06 -9.90 19.75
C ARG G 184 -0.48 -8.99 18.66
N VAL G 185 -1.66 -8.43 18.93
CA VAL G 185 -2.39 -7.43 18.08
C VAL G 185 -2.62 -6.17 18.93
N ILE G 186 -2.05 -5.04 18.51
CA ILE G 186 -2.23 -3.70 19.13
C ILE G 186 -3.36 -2.99 18.40
N CYS G 187 -4.36 -2.52 19.14
CA CYS G 187 -5.51 -1.74 18.61
C CYS G 187 -5.50 -0.36 19.27
N LEU G 188 -5.43 0.71 18.47
CA LEU G 188 -5.41 2.11 18.95
C LEU G 188 -6.70 2.81 18.53
N PHE G 189 -7.44 3.35 19.50
CA PHE G 189 -8.70 4.10 19.28
C PHE G 189 -8.52 5.57 19.69
N ASP G 190 -9.24 6.47 19.02
CA ASP G 190 -9.58 7.81 19.57
C ASP G 190 -10.80 7.62 20.47
N THR G 191 -10.77 8.17 21.68
CA THR G 191 -11.91 8.15 22.63
C THR G 191 -12.12 9.54 23.22
N GLU G 192 -13.22 9.73 23.95
CA GLU G 192 -13.46 10.99 24.70
C GLU G 192 -12.43 11.11 25.83
N PHE G 193 -11.58 10.08 26.06
CA PHE G 193 -10.54 10.10 27.12
C PHE G 193 -9.14 10.09 26.51
N GLY G 194 -9.05 10.52 25.25
CA GLY G 194 -7.79 10.63 24.51
C GLY G 194 -7.50 9.34 23.76
N PRO G 195 -6.22 9.09 23.39
CA PRO G 195 -5.85 7.83 22.76
C PRO G 195 -5.99 6.70 23.78
N MET G 196 -6.42 5.53 23.31
CA MET G 196 -6.60 4.31 24.13
C MET G 196 -6.13 3.10 23.33
N ALA G 197 -5.22 2.33 23.90
CA ALA G 197 -4.67 1.10 23.30
C ALA G 197 -5.33 -0.09 24.01
N GLN G 198 -5.79 -1.07 23.23
CA GLN G 198 -6.22 -2.38 23.75
C GLN G 198 -5.42 -3.42 22.97
N ILE G 199 -4.62 -4.21 23.69
CA ILE G 199 -3.61 -5.14 23.11
C ILE G 199 -4.00 -6.59 23.45
N LEU G 200 -4.20 -7.41 22.44
CA LEU G 200 -4.52 -8.85 22.60
C LEU G 200 -3.23 -9.65 22.45
N VAL G 201 -2.75 -10.24 23.55
CA VAL G 201 -1.49 -11.02 23.61
C VAL G 201 -1.82 -12.50 23.64
N GLY G 202 -1.37 -13.22 22.63
CA GLY G 202 -1.52 -14.69 22.53
C GLY G 202 -0.58 -15.42 23.47
N ALA G 203 -0.81 -16.73 23.62
CA ALA G 203 0.03 -17.65 24.39
C ALA G 203 0.04 -19.03 23.72
N THR G 204 0.84 -19.96 24.26
CA THR G 204 0.87 -21.38 23.84
C THR G 204 -0.57 -21.89 23.80
N ILE G 205 -0.94 -22.63 22.75
CA ILE G 205 -2.27 -23.31 22.57
C ILE G 205 -3.31 -22.25 22.18
N VAL G 206 -3.65 -21.33 23.11
CA VAL G 206 -4.58 -20.20 22.84
C VAL G 206 -3.79 -19.08 22.14
N GLY G 207 -3.53 -19.27 20.84
CA GLY G 207 -2.62 -18.42 20.05
C GLY G 207 -3.31 -17.71 18.90
N SER G 208 -4.60 -17.96 18.68
CA SER G 208 -5.37 -17.34 17.58
C SER G 208 -6.06 -16.08 18.12
N ILE G 209 -5.89 -14.96 17.41
CA ILE G 209 -6.50 -13.64 17.77
C ILE G 209 -7.41 -13.21 16.62
N GLU G 210 -8.62 -12.76 16.95
CA GLU G 210 -9.58 -12.17 15.97
C GLU G 210 -9.95 -10.77 16.44
N THR G 211 -10.39 -9.94 15.51
CA THR G 211 -11.15 -8.70 15.78
C THR G 211 -12.43 -8.75 14.95
N VAL G 212 -13.48 -8.08 15.42
CA VAL G 212 -14.83 -8.07 14.79
C VAL G 212 -14.77 -7.40 13.41
N TRP G 213 -13.80 -6.52 13.17
CA TRP G 213 -13.68 -5.73 11.91
C TRP G 213 -12.77 -6.42 10.88
N ALA G 214 -11.99 -7.43 11.26
CA ALA G 214 -10.97 -8.02 10.36
C ALA G 214 -11.02 -9.55 10.33
N GLY G 215 -11.74 -10.18 11.26
CA GLY G 215 -11.75 -11.65 11.39
C GLY G 215 -10.47 -12.12 12.05
N THR G 216 -10.01 -13.31 11.69
CA THR G 216 -8.82 -13.93 12.32
C THR G 216 -7.59 -13.19 11.80
N ILE G 217 -6.79 -12.63 12.71
CA ILE G 217 -5.49 -11.95 12.39
C ILE G 217 -4.43 -13.04 12.25
N THR G 218 -4.45 -14.01 13.16
CA THR G 218 -3.44 -15.09 13.27
C THR G 218 -4.16 -16.34 13.78
N PRO G 219 -3.92 -17.54 13.21
CA PRO G 219 -3.02 -17.73 12.06
C PRO G 219 -3.64 -17.23 10.76
N PRO G 220 -2.90 -17.22 9.63
CA PRO G 220 -1.53 -17.72 9.55
C PRO G 220 -0.49 -16.76 10.17
N ARG G 221 0.73 -17.27 10.36
CA ARG G 221 1.89 -16.56 10.97
C ARG G 221 2.94 -16.33 9.86
N GLU G 222 2.90 -15.14 9.24
CA GLU G 222 3.74 -14.78 8.06
C GLU G 222 5.10 -14.26 8.51
N GLY G 223 5.27 -13.99 9.81
CA GLY G 223 6.55 -13.62 10.44
C GLY G 223 6.91 -12.13 10.31
N ILE G 224 6.01 -11.30 9.77
CA ILE G 224 6.26 -9.84 9.55
C ILE G 224 5.24 -9.03 10.37
N ILE G 225 5.62 -7.84 10.80
CA ILE G 225 4.72 -6.79 11.36
C ILE G 225 3.85 -6.28 10.20
N LYS G 226 2.55 -6.23 10.40
CA LYS G 226 1.55 -5.64 9.45
C LYS G 226 0.84 -4.52 10.21
N ARG G 227 0.62 -3.38 9.54
CA ARG G 227 -0.08 -2.19 10.09
C ARG G 227 -1.28 -1.86 9.20
N TRP G 228 -2.46 -1.73 9.80
CA TRP G 228 -3.68 -1.16 9.18
C TRP G 228 -4.04 0.17 9.88
N THR G 229 -4.57 1.12 9.13
CA THR G 229 -5.08 2.42 9.64
C THR G 229 -6.51 2.60 9.16
N TRP G 230 -7.27 3.39 9.90
CA TRP G 230 -8.65 3.84 9.59
C TRP G 230 -8.73 5.34 9.85
N PRO G 231 -9.62 6.06 9.15
CA PRO G 231 -9.72 7.51 9.31
C PRO G 231 -10.40 7.90 10.63
N ALA G 232 -10.34 9.19 10.98
CA ALA G 232 -11.06 9.81 12.11
C ALA G 232 -12.59 9.62 11.92
N GLY G 233 -13.35 9.80 13.00
CA GLY G 233 -14.75 9.34 13.09
C GLY G 233 -15.63 9.95 12.03
N GLU G 234 -15.45 11.26 11.77
CA GLU G 234 -16.25 12.05 10.79
C GLU G 234 -16.26 11.33 9.43
N ASN G 235 -15.10 10.92 8.91
CA ASN G 235 -14.90 10.44 7.52
C ASN G 235 -15.67 9.15 7.24
N ASP G 236 -15.91 8.86 5.94
CA ASP G 236 -16.53 7.62 5.43
C ASP G 236 -15.47 6.52 5.53
N GLY G 237 -15.87 5.30 5.88
CA GLY G 237 -14.97 4.14 6.06
C GLY G 237 -14.40 4.05 7.47
N SER G 238 -14.78 4.95 8.37
CA SER G 238 -14.39 4.95 9.80
C SER G 238 -15.12 3.80 10.49
N VAL G 239 -14.49 3.21 11.52
CA VAL G 239 -15.00 2.05 12.31
C VAL G 239 -15.16 2.53 13.76
N ALA G 240 -16.40 2.64 14.23
CA ALA G 240 -16.74 3.05 15.62
C ALA G 240 -17.27 1.84 16.38
N LEU G 241 -16.94 1.74 17.66
CA LEU G 241 -17.51 0.73 18.58
C LEU G 241 -17.96 1.43 19.85
N LEU G 242 -18.94 0.82 20.53
CA LEU G 242 -19.60 1.36 21.73
C LEU G 242 -19.05 0.68 22.98
N LYS G 243 -19.04 1.39 24.11
CA LYS G 243 -18.71 0.80 25.42
C LYS G 243 -19.43 -0.55 25.52
N GLY G 244 -18.72 -1.61 25.92
CA GLY G 244 -19.30 -2.94 26.18
C GLY G 244 -19.41 -3.81 24.93
N GLN G 245 -19.26 -3.26 23.73
CA GLN G 245 -19.41 -4.04 22.47
C GLN G 245 -18.19 -4.95 22.29
N GLU G 246 -18.42 -6.17 21.80
CA GLU G 246 -17.35 -7.13 21.43
C GLU G 246 -16.45 -6.49 20.37
N MET G 247 -15.12 -6.52 20.58
CA MET G 247 -14.10 -6.03 19.61
C MET G 247 -13.21 -7.17 19.10
N GLY G 248 -13.08 -8.29 19.84
CA GLY G 248 -12.14 -9.37 19.47
C GLY G 248 -12.28 -10.55 20.41
N ARG G 249 -11.47 -11.58 20.19
CA ARG G 249 -11.50 -12.85 20.97
C ARG G 249 -10.18 -13.63 20.77
N PHE G 250 -9.99 -14.63 21.63
CA PHE G 250 -8.91 -15.63 21.56
C PHE G 250 -9.53 -17.02 21.31
N LYS G 251 -8.96 -17.79 20.40
CA LYS G 251 -9.27 -19.23 20.26
C LYS G 251 -7.97 -20.01 20.12
N LEU G 252 -8.05 -21.33 20.03
CA LEU G 252 -6.86 -22.22 19.91
C LEU G 252 -6.45 -22.23 18.44
N GLY G 253 -5.17 -22.24 18.07
CA GLY G 253 -4.84 -22.14 16.63
C GLY G 253 -3.36 -22.14 16.28
C PYR H 1 -4.72 -14.00 27.70
O PYR H 1 -4.92 -14.14 28.91
CA PYR H 1 -4.72 -15.16 27.09
O3 PYR H 1 -5.11 -15.27 25.93
CB PYR H 1 -4.20 -16.39 27.78
N THR H 2 -4.19 -12.86 27.30
CA THR H 2 -3.87 -11.58 28.06
C THR H 2 -4.29 -10.33 27.30
N VAL H 3 -4.78 -9.32 28.02
CA VAL H 3 -5.25 -8.04 27.42
C VAL H 3 -4.61 -6.89 28.19
N ILE H 4 -3.92 -6.00 27.46
CA ILE H 4 -3.23 -4.81 28.03
C ILE H 4 -3.90 -3.56 27.48
N ASN H 5 -4.36 -2.69 28.38
CA ASN H 5 -4.93 -1.37 28.02
C ASN H 5 -3.90 -0.31 28.38
N LEU H 6 -3.77 0.70 27.52
CA LEU H 6 -3.00 1.94 27.80
C LEU H 6 -3.97 3.10 27.66
N PHE H 7 -4.00 3.99 28.65
CA PHE H 7 -4.77 5.25 28.61
C PHE H 7 -3.79 6.41 28.80
N ALA H 8 -4.10 7.54 28.16
CA ALA H 8 -3.20 8.70 28.03
C ALA H 8 -3.00 9.35 29.39
N PRO H 9 -1.85 10.03 29.63
CA PRO H 9 -1.59 10.67 30.91
C PRO H 9 -2.65 11.75 31.27
N GLY H 10 -3.04 11.78 32.55
CA GLY H 10 -4.01 12.74 33.12
C GLY H 10 -5.39 12.71 32.48
N LYS H 11 -5.82 11.58 31.92
CA LYS H 11 -7.12 11.46 31.22
C LYS H 11 -8.02 10.51 32.03
N VAL H 12 -7.46 9.48 32.70
CA VAL H 12 -8.28 8.48 33.44
C VAL H 12 -7.57 8.10 34.74
N ASN H 13 -8.33 7.83 35.79
CA ASN H 13 -7.81 7.27 37.07
C ASN H 13 -8.44 5.89 37.28
N LEU H 14 -7.61 4.90 37.56
CA LEU H 14 -8.06 3.52 37.82
C LEU H 14 -8.84 3.53 39.14
N VAL H 15 -9.99 2.85 39.20
CA VAL H 15 -10.77 2.73 40.46
C VAL H 15 -9.80 2.21 41.52
N GLU H 16 -9.73 2.90 42.68
CA GLU H 16 -8.69 2.69 43.72
C GLU H 16 -8.77 1.26 44.31
N GLN H 17 -9.95 0.62 44.31
CA GLN H 17 -10.18 -0.70 44.94
C GLN H 17 -9.41 -1.78 44.17
N LEU H 18 -9.23 -1.63 42.85
CA LEU H 18 -8.59 -2.67 41.98
C LEU H 18 -7.11 -2.81 42.31
N GLU H 19 -6.63 -4.06 42.35
CA GLU H 19 -5.20 -4.40 42.63
C GLU H 19 -4.87 -5.73 41.94
N SER H 20 -3.59 -6.10 41.90
CA SER H 20 -3.15 -7.40 41.32
C SER H 20 -3.99 -8.52 41.95
N LEU H 21 -4.64 -9.34 41.12
CA LEU H 21 -5.45 -10.53 41.52
C LEU H 21 -6.91 -10.16 41.78
N SER H 22 -7.31 -8.89 41.69
CA SER H 22 -8.74 -8.47 41.64
C SER H 22 -9.44 -9.21 40.49
N VAL H 23 -10.65 -9.71 40.74
CA VAL H 23 -11.48 -10.41 39.71
C VAL H 23 -12.07 -9.35 38.77
N THR H 24 -12.14 -9.64 37.48
CA THR H 24 -12.68 -8.72 36.44
C THR H 24 -13.89 -9.35 35.75
N LYS H 25 -14.97 -8.56 35.56
CA LYS H 25 -16.22 -8.98 34.87
C LYS H 25 -16.60 -7.86 33.89
N ILE H 26 -16.74 -8.19 32.60
CA ILE H 26 -17.08 -7.17 31.56
C ILE H 26 -18.21 -6.28 32.08
N GLY H 27 -18.01 -4.97 32.06
CA GLY H 27 -19.06 -3.97 32.34
C GLY H 27 -18.79 -3.27 33.65
N GLN H 28 -18.09 -3.96 34.57
CA GLN H 28 -17.77 -3.37 35.88
C GLN H 28 -16.82 -2.20 35.64
N PRO H 29 -16.87 -1.13 36.46
CA PRO H 29 -15.88 -0.05 36.37
C PRO H 29 -14.40 -0.47 36.45
N LEU H 30 -13.61 0.01 35.48
CA LEU H 30 -12.13 -0.14 35.42
C LEU H 30 -11.44 1.18 35.79
N ALA H 31 -11.96 2.29 35.27
CA ALA H 31 -11.41 3.65 35.51
C ALA H 31 -12.52 4.70 35.40
N VAL H 32 -12.27 5.88 35.98
CA VAL H 32 -13.18 7.06 35.92
C VAL H 32 -12.43 8.17 35.16
N SER H 33 -13.15 8.91 34.31
CA SER H 33 -12.64 10.13 33.61
C SER H 33 -12.10 11.12 34.64
N THR H 34 -10.99 11.76 34.32
CA THR H 34 -10.04 12.46 35.23
C THR H 34 -9.35 13.55 34.38
N GLY H 35 -10.09 14.12 33.41
CA GLY H 35 -9.65 15.17 32.47
C GLY H 35 -10.04 16.55 32.99
N HIS H 36 -11.31 16.69 33.39
CA HIS H 36 -11.88 17.80 34.21
C HIS H 36 -11.02 18.07 35.46
N HIS H 37 -10.17 17.13 35.89
CA HIS H 37 -9.27 17.25 37.07
C HIS H 37 -7.79 17.47 36.62
N HIS H 38 -7.60 17.99 35.40
CA HIS H 38 -6.27 18.38 34.84
C HIS H 38 -6.40 19.65 33.96
N HIS H 39 -5.31 20.41 33.82
CA HIS H 39 -5.28 21.80 33.26
C HIS H 39 -6.08 21.91 31.93
N HIS H 40 -6.16 20.87 31.10
CA HIS H 40 -7.08 20.83 29.92
C HIS H 40 -8.49 20.41 30.36
#